data_7ESJ
#
_entry.id   7ESJ
#
_cell.length_a   97.730
_cell.length_b   67.440
_cell.length_c   142.370
_cell.angle_alpha   90.000
_cell.angle_beta   98.870
_cell.angle_gamma   90.000
#
_symmetry.space_group_name_H-M   'C 1 2 1'
#
loop_
_entity.id
_entity.type
_entity.pdbx_description
1 polymer 'membrane-bound lytic murein transglycosylase A'
2 water water
#
_entity_poly.entity_id   1
_entity_poly.type   'polypeptide(L)'
_entity_poly.pdbx_seq_one_letter_code
;GCATTAPRTGSEVPTPVTPPAATYAKAAWSALPPVSDTDLQAGFVAWRSSCTRLKNDAVWAKPCATAAAVSDKDPAAIRQ
FLQRDLDAYALRAGGHQADGLITGYYEPIYAGSLTRTATATVPVYGTPDDLVVVQLESLYPELKGKRLRGRVEGKVLKPY
DDAGTIAAKGANAPVLAWLTDPMDLQLLQIQGSGRVRLADGKQVRLAYAEQNGHPYRAIGRWLVDQGQLKKEDVTMDAIR
AWARANPARVPELLRSNPSYVFFVRNPDSPEGPRGSLNVPLTAGYSVAVDRSVVPLGSLLWLSTTRPDGTPVVRPVAAQD
TGGAIAGEVRADLYWGSGDAAGKLAGDMKQKGNIWMLWPKGVPLPN
;
_entity_poly.pdbx_strand_id   A,B
#
# COMPACT_ATOMS: atom_id res chain seq x y z
N ALA A 22 9.51 -2.97 -21.79
CA ALA A 22 10.94 -3.06 -21.54
C ALA A 22 11.43 -2.09 -20.46
N THR A 23 11.48 -0.79 -20.77
CA THR A 23 12.24 0.14 -19.94
C THR A 23 11.49 1.43 -19.67
N TYR A 24 11.76 2.01 -18.50
CA TYR A 24 11.18 3.25 -18.02
C TYR A 24 12.22 4.37 -18.07
N ALA A 25 11.98 5.41 -18.87
CA ALA A 25 12.96 6.49 -19.02
C ALA A 25 12.37 7.78 -18.46
N LYS A 26 12.86 8.20 -17.30
CA LYS A 26 12.30 9.37 -16.64
C LYS A 26 12.37 10.58 -17.56
N ALA A 27 11.28 11.34 -17.61
CA ALA A 27 11.16 12.48 -18.49
C ALA A 27 10.70 13.69 -17.70
N ALA A 28 11.14 14.87 -18.10
CA ALA A 28 10.67 16.07 -17.43
C ALA A 28 9.21 16.33 -17.78
N TRP A 29 8.47 16.94 -16.84
CA TRP A 29 7.09 17.30 -17.12
C TRP A 29 6.98 18.21 -18.35
N SER A 30 7.94 19.13 -18.50
CA SER A 30 7.88 20.05 -19.63
C SER A 30 8.19 19.36 -20.96
N ALA A 31 8.64 18.12 -20.94
CA ALA A 31 8.78 17.37 -22.18
C ALA A 31 7.48 16.72 -22.64
N LEU A 32 6.50 16.64 -21.76
CA LEU A 32 5.25 16.00 -22.16
C LEU A 32 4.41 16.96 -23.00
N PRO A 33 3.67 16.46 -24.01
CA PRO A 33 2.88 17.37 -24.83
C PRO A 33 1.71 17.91 -24.04
N PRO A 34 1.20 19.10 -24.39
CA PRO A 34 0.07 19.67 -23.66
C PRO A 34 -1.25 18.95 -23.95
N VAL A 35 -2.19 19.07 -23.03
CA VAL A 35 -3.55 18.58 -23.22
C VAL A 35 -4.53 19.70 -22.91
N SER A 36 -5.66 19.69 -23.62
CA SER A 36 -6.74 20.64 -23.34
C SER A 36 -7.27 20.44 -21.93
N ASP A 37 -7.90 21.49 -21.38
CA ASP A 37 -8.46 21.35 -20.05
C ASP A 37 -9.57 20.29 -20.02
N THR A 38 -10.39 20.21 -21.08
CA THR A 38 -11.43 19.17 -21.15
C THR A 38 -10.83 17.77 -21.04
N ASP A 39 -9.79 17.48 -21.84
CA ASP A 39 -9.12 16.18 -21.77
C ASP A 39 -8.44 15.95 -20.44
N LEU A 40 -7.76 16.97 -19.92
CA LEU A 40 -7.13 16.82 -18.61
C LEU A 40 -8.16 16.50 -17.55
N GLN A 41 -9.34 17.08 -17.65
CA GLN A 41 -10.37 16.78 -16.65
C GLN A 41 -10.95 15.38 -16.84
N ALA A 42 -11.31 15.03 -18.06
CA ALA A 42 -11.94 13.73 -18.27
C ALA A 42 -10.98 12.59 -17.91
N GLY A 43 -9.71 12.73 -18.27
CA GLY A 43 -8.73 11.69 -17.95
C GLY A 43 -8.44 11.57 -16.47
N PHE A 44 -8.35 12.70 -15.76
CA PHE A 44 -8.26 12.66 -14.31
C PHE A 44 -9.48 11.93 -13.71
N VAL A 45 -10.68 12.25 -14.20
CA VAL A 45 -11.89 11.64 -13.65
C VAL A 45 -11.93 10.14 -13.93
N ALA A 46 -11.61 9.74 -15.16
CA ALA A 46 -11.56 8.32 -15.44
C ALA A 46 -10.61 7.62 -14.48
N TRP A 47 -9.38 8.15 -14.35
CA TRP A 47 -8.38 7.53 -13.49
C TRP A 47 -8.78 7.55 -12.03
N ARG A 48 -9.37 8.65 -11.57
CA ARG A 48 -9.71 8.71 -10.14
C ARG A 48 -10.77 7.68 -9.79
N SER A 49 -11.62 7.30 -10.74
CA SER A 49 -12.65 6.31 -10.45
C SER A 49 -12.07 4.94 -10.08
N SER A 50 -10.79 4.69 -10.34
CA SER A 50 -10.18 3.44 -9.92
C SER A 50 -9.89 3.41 -8.43
N CYS A 51 -9.87 4.57 -7.77
CA CYS A 51 -9.31 4.65 -6.43
C CYS A 51 -10.09 3.82 -5.43
N THR A 52 -11.37 3.56 -5.71
CA THR A 52 -12.17 2.69 -4.86
C THR A 52 -11.62 1.26 -4.83
N ARG A 53 -10.89 0.85 -5.86
CA ARG A 53 -10.30 -0.49 -5.90
C ARG A 53 -8.83 -0.48 -5.53
N LEU A 54 -8.28 0.69 -5.19
CA LEU A 54 -6.86 0.83 -4.97
C LEU A 54 -6.54 1.23 -3.52
N LYS A 55 -7.50 1.08 -2.61
CA LYS A 55 -7.26 1.52 -1.24
C LYS A 55 -6.13 0.75 -0.58
N ASN A 56 -5.89 -0.51 -1.01
CA ASN A 56 -4.82 -1.34 -0.49
C ASN A 56 -3.64 -1.45 -1.46
N ASP A 57 -3.53 -0.52 -2.40
CA ASP A 57 -2.43 -0.54 -3.35
C ASP A 57 -1.21 0.14 -2.72
N ALA A 58 -0.08 -0.58 -2.68
CA ALA A 58 1.12 0.02 -2.11
C ALA A 58 1.52 1.28 -2.86
N VAL A 59 1.29 1.29 -4.18
CA VAL A 59 1.69 2.41 -5.02
C VAL A 59 0.62 3.51 -5.05
N TRP A 60 -0.62 3.17 -5.39
CA TRP A 60 -1.57 4.22 -5.75
C TRP A 60 -2.47 4.68 -4.61
N ALA A 61 -2.44 4.01 -3.44
CA ALA A 61 -3.33 4.41 -2.34
C ALA A 61 -3.10 5.85 -1.93
N LYS A 62 -1.83 6.22 -1.70
CA LYS A 62 -1.57 7.59 -1.23
C LYS A 62 -1.94 8.61 -2.30
N PRO A 63 -1.49 8.49 -3.56
CA PRO A 63 -1.98 9.42 -4.60
C PRO A 63 -3.49 9.54 -4.66
N CYS A 64 -4.21 8.44 -4.48
CA CYS A 64 -5.66 8.45 -4.58
C CYS A 64 -6.28 9.25 -3.44
N ALA A 65 -5.77 9.07 -2.21
CA ALA A 65 -6.22 9.91 -1.10
C ALA A 65 -6.04 11.39 -1.43
N THR A 66 -4.85 11.76 -1.91
CA THR A 66 -4.62 13.15 -2.33
C THR A 66 -5.59 13.55 -3.45
N ALA A 67 -5.77 12.69 -4.44
CA ALA A 67 -6.62 13.04 -5.56
C ALA A 67 -8.06 13.33 -5.12
N ALA A 68 -8.54 12.63 -4.09
CA ALA A 68 -9.95 12.72 -3.72
C ALA A 68 -10.37 14.14 -3.36
N ALA A 69 -9.41 15.00 -3.02
CA ALA A 69 -9.69 16.36 -2.59
C ALA A 69 -9.43 17.39 -3.67
N VAL A 70 -8.99 16.98 -4.85
CA VAL A 70 -8.86 17.93 -5.95
C VAL A 70 -10.21 18.07 -6.65
N SER A 71 -10.58 19.32 -6.95
CA SER A 71 -11.77 19.58 -7.75
C SER A 71 -11.53 19.19 -9.21
N ASP A 72 -12.36 18.28 -9.71
CA ASP A 72 -12.31 17.87 -11.10
C ASP A 72 -12.87 18.93 -12.05
N LYS A 73 -13.32 20.08 -11.53
CA LYS A 73 -13.68 21.20 -12.38
C LYS A 73 -12.57 22.25 -12.46
N ASP A 74 -11.46 22.04 -11.74
CA ASP A 74 -10.35 22.99 -11.67
C ASP A 74 -9.12 22.41 -12.37
N PRO A 75 -8.91 22.73 -13.64
CA PRO A 75 -7.69 22.26 -14.33
C PRO A 75 -6.41 22.58 -13.56
N ALA A 76 -6.29 23.81 -13.06
CA ALA A 76 -5.08 24.22 -12.37
C ALA A 76 -4.81 23.35 -11.14
N ALA A 77 -5.85 22.98 -10.39
CA ALA A 77 -5.60 22.14 -9.22
C ALA A 77 -5.12 20.76 -9.65
N ILE A 78 -5.65 20.25 -10.76
CA ILE A 78 -5.22 18.93 -11.26
C ILE A 78 -3.76 18.97 -11.68
N ARG A 79 -3.41 19.91 -12.57
CA ARG A 79 -2.02 20.03 -13.00
C ARG A 79 -1.09 20.23 -11.82
N GLN A 80 -1.54 21.01 -10.82
CA GLN A 80 -0.73 21.17 -9.62
C GLN A 80 -0.50 19.83 -8.93
N PHE A 81 -1.58 19.08 -8.68
CA PHE A 81 -1.46 17.78 -8.02
C PHE A 81 -0.51 16.85 -8.77
N LEU A 82 -0.68 16.74 -10.09
CA LEU A 82 0.17 15.81 -10.86
C LEU A 82 1.64 16.21 -10.77
N GLN A 83 1.93 17.48 -11.02
CA GLN A 83 3.32 17.90 -11.11
C GLN A 83 4.00 17.88 -9.74
N ARG A 84 3.24 18.05 -8.67
CA ARG A 84 3.82 17.99 -7.33
C ARG A 84 4.12 16.55 -6.90
N ASP A 85 3.18 15.62 -7.09
CA ASP A 85 3.26 14.33 -6.41
C ASP A 85 3.75 13.19 -7.30
N LEU A 86 3.78 13.36 -8.62
CA LEU A 86 4.12 12.28 -9.54
C LEU A 86 5.27 12.70 -10.46
N ASP A 87 6.04 11.71 -10.89
CA ASP A 87 7.00 11.81 -11.98
C ASP A 87 6.43 11.15 -13.24
N ALA A 88 7.05 11.47 -14.37
CA ALA A 88 6.65 10.94 -15.67
C ALA A 88 7.76 10.07 -16.22
N TYR A 89 7.40 8.89 -16.73
CA TYR A 89 8.36 7.94 -17.27
C TYR A 89 7.93 7.52 -18.66
N ALA A 90 8.72 7.90 -19.65
CA ALA A 90 8.49 7.41 -21.01
C ALA A 90 8.68 5.91 -21.06
N LEU A 91 7.74 5.21 -21.68
CA LEU A 91 7.85 3.78 -21.88
C LEU A 91 8.53 3.53 -23.22
N ARG A 92 9.49 2.59 -23.22
CA ARG A 92 10.25 2.27 -24.41
C ARG A 92 10.53 0.77 -24.44
N ALA A 93 10.56 0.23 -25.66
CA ALA A 93 10.78 -1.20 -25.88
C ALA A 93 11.18 -1.42 -27.33
N GLY A 94 12.26 -2.17 -27.55
CA GLY A 94 12.64 -2.60 -28.88
C GLY A 94 13.31 -1.53 -29.72
N GLY A 95 13.33 -1.78 -31.03
CA GLY A 95 14.00 -0.88 -31.94
C GLY A 95 13.28 0.43 -32.16
N HIS A 96 11.96 0.44 -31.97
CA HIS A 96 11.18 1.68 -32.05
C HIS A 96 11.22 2.51 -30.77
N GLN A 97 11.74 1.94 -29.67
CA GLN A 97 11.87 2.59 -28.37
C GLN A 97 10.57 3.23 -27.90
N ALA A 98 10.48 4.57 -27.97
CA ALA A 98 9.31 5.26 -27.46
C ALA A 98 8.12 5.21 -28.40
N ASP A 99 8.35 5.05 -29.71
CA ASP A 99 7.26 4.95 -30.66
C ASP A 99 6.58 3.59 -30.52
N GLY A 100 5.30 3.60 -30.11
CA GLY A 100 4.54 2.39 -29.94
C GLY A 100 3.29 2.35 -30.82
N LEU A 101 2.53 1.28 -30.63
CA LEU A 101 1.33 1.00 -31.42
C LEU A 101 0.10 1.09 -30.54
N ILE A 102 -0.86 1.94 -30.92
CA ILE A 102 -2.10 2.15 -30.17
C ILE A 102 -3.23 1.55 -30.99
N THR A 103 -3.78 0.44 -30.50
CA THR A 103 -4.95 -0.18 -31.12
C THR A 103 -6.20 0.20 -30.32
N GLY A 104 -7.34 -0.37 -30.71
CA GLY A 104 -8.60 -0.03 -30.07
C GLY A 104 -9.45 -1.25 -29.79
N TYR A 105 -10.29 -1.11 -28.77
CA TYR A 105 -11.37 -2.07 -28.56
C TYR A 105 -12.62 -1.32 -28.13
N TYR A 106 -13.73 -2.04 -28.05
CA TYR A 106 -15.04 -1.45 -27.78
C TYR A 106 -15.95 -2.55 -27.26
N GLU A 107 -17.16 -2.14 -26.89
CA GLU A 107 -18.24 -3.02 -26.47
C GLU A 107 -19.25 -3.14 -27.59
N PRO A 108 -19.27 -4.25 -28.34
CA PRO A 108 -20.22 -4.38 -29.44
C PRO A 108 -21.64 -4.53 -28.93
N ILE A 109 -22.60 -4.08 -29.74
CA ILE A 109 -24.03 -4.28 -29.49
C ILE A 109 -24.58 -5.10 -30.65
N TYR A 110 -25.30 -6.17 -30.33
CA TYR A 110 -25.83 -7.07 -31.34
C TYR A 110 -27.30 -7.34 -31.09
N ALA A 111 -28.10 -7.28 -32.15
CA ALA A 111 -29.49 -7.72 -32.10
C ALA A 111 -29.57 -9.17 -31.65
N GLY A 112 -30.53 -9.47 -30.77
CA GLY A 112 -30.73 -10.82 -30.30
C GLY A 112 -32.01 -10.94 -29.49
N SER A 113 -32.14 -12.07 -28.79
CA SER A 113 -33.39 -12.46 -28.17
C SER A 113 -33.10 -13.10 -26.82
N LEU A 114 -34.02 -12.93 -25.88
CA LEU A 114 -33.92 -13.70 -24.65
C LEU A 114 -34.27 -15.17 -24.88
N THR A 115 -34.90 -15.49 -25.99
CA THR A 115 -35.35 -16.85 -26.23
C THR A 115 -34.97 -17.27 -27.64
N ARG A 116 -34.91 -18.58 -27.85
CA ARG A 116 -34.61 -19.09 -29.18
C ARG A 116 -35.78 -18.81 -30.12
N THR A 117 -35.49 -18.22 -31.27
CA THR A 117 -36.49 -18.10 -32.32
C THR A 117 -35.86 -18.58 -33.62
N ALA A 118 -36.67 -18.59 -34.69
CA ALA A 118 -36.15 -18.97 -35.99
C ALA A 118 -35.14 -17.96 -36.52
N THR A 119 -35.15 -16.72 -36.02
CA THR A 119 -34.17 -15.73 -36.43
C THR A 119 -33.04 -15.55 -35.44
N ALA A 120 -33.08 -16.22 -34.29
CA ALA A 120 -32.02 -16.10 -33.28
C ALA A 120 -31.80 -17.49 -32.71
N THR A 121 -30.81 -18.21 -33.25
CA THR A 121 -30.61 -19.59 -32.91
C THR A 121 -29.27 -19.89 -32.26
N VAL A 122 -28.38 -18.91 -32.14
CA VAL A 122 -27.05 -19.13 -31.60
C VAL A 122 -27.09 -18.82 -30.10
N PRO A 123 -26.88 -19.81 -29.23
CA PRO A 123 -26.94 -19.56 -27.78
C PRO A 123 -25.65 -18.96 -27.24
N VAL A 124 -25.83 -18.03 -26.31
CA VAL A 124 -24.75 -17.48 -25.48
C VAL A 124 -24.80 -18.14 -24.11
N TYR A 125 -23.71 -18.78 -23.72
CA TYR A 125 -23.67 -19.63 -22.53
C TYR A 125 -23.00 -18.93 -21.36
N GLY A 126 -23.58 -19.12 -20.16
CA GLY A 126 -22.87 -18.94 -18.92
C GLY A 126 -21.91 -20.09 -18.63
N THR A 127 -21.33 -20.05 -17.45
CA THR A 127 -20.33 -21.07 -17.07
C THR A 127 -21.00 -22.43 -16.90
N PRO A 128 -20.50 -23.48 -17.55
CA PRO A 128 -21.08 -24.80 -17.36
C PRO A 128 -20.83 -25.35 -15.97
N ASP A 129 -21.79 -26.14 -15.50
CA ASP A 129 -21.66 -26.74 -14.17
C ASP A 129 -20.49 -27.71 -14.10
N ASP A 130 -20.18 -28.42 -15.20
CA ASP A 130 -19.17 -29.46 -15.20
C ASP A 130 -17.81 -28.97 -15.70
N LEU A 131 -17.60 -27.65 -15.76
CA LEU A 131 -16.32 -27.09 -16.12
C LEU A 131 -15.44 -27.01 -14.87
N VAL A 132 -14.31 -27.73 -14.85
CA VAL A 132 -13.42 -27.76 -13.70
C VAL A 132 -12.20 -26.86 -13.97
N VAL A 133 -11.91 -25.95 -13.03
CA VAL A 133 -10.73 -25.11 -13.10
C VAL A 133 -9.56 -25.81 -12.41
N VAL A 134 -8.46 -26.02 -13.14
CA VAL A 134 -7.29 -26.67 -12.58
C VAL A 134 -6.44 -25.62 -11.88
N GLN A 135 -6.04 -25.90 -10.65
CA GLN A 135 -5.43 -24.93 -9.77
C GLN A 135 -4.28 -25.65 -9.07
N LEU A 136 -3.26 -25.99 -9.85
CA LEU A 136 -2.10 -26.73 -9.37
C LEU A 136 -0.86 -25.87 -9.37
N GLU A 137 -1.01 -24.56 -9.29
CA GLU A 137 0.14 -23.69 -9.50
C GLU A 137 1.03 -23.63 -8.25
N SER A 138 0.46 -23.86 -7.06
CA SER A 138 1.29 -23.94 -5.86
C SER A 138 2.32 -25.06 -5.97
N LEU A 139 2.00 -26.11 -6.73
CA LEU A 139 2.91 -27.24 -6.95
C LEU A 139 3.81 -27.04 -8.15
N TYR A 140 3.32 -26.38 -9.20
CA TYR A 140 4.10 -26.14 -10.42
C TYR A 140 3.93 -24.69 -10.79
N PRO A 141 4.75 -23.80 -10.23
CA PRO A 141 4.56 -22.35 -10.49
C PRO A 141 4.65 -21.99 -11.98
N GLU A 142 5.18 -22.87 -12.83
CA GLU A 142 5.26 -22.59 -14.26
C GLU A 142 3.91 -22.62 -14.96
N LEU A 143 2.87 -23.13 -14.31
CA LEU A 143 1.52 -23.11 -14.85
C LEU A 143 0.85 -21.75 -14.72
N LYS A 144 1.50 -20.78 -14.06
CA LYS A 144 0.78 -19.59 -13.59
C LYS A 144 0.19 -18.74 -14.70
N GLY A 145 0.74 -18.80 -15.91
CA GLY A 145 0.14 -18.04 -17.00
C GLY A 145 -1.09 -18.69 -17.58
N LYS A 146 -1.23 -20.01 -17.43
CA LYS A 146 -2.17 -20.79 -18.24
C LYS A 146 -3.55 -20.86 -17.60
N ARG A 147 -4.57 -20.92 -18.46
CA ARG A 147 -5.94 -21.21 -18.06
C ARG A 147 -6.15 -22.69 -18.37
N LEU A 148 -5.88 -23.55 -17.39
CA LEU A 148 -6.10 -24.97 -17.56
C LEU A 148 -7.50 -25.30 -17.06
N ARG A 149 -8.27 -25.98 -17.91
CA ARG A 149 -9.64 -26.35 -17.59
C ARG A 149 -9.88 -27.74 -18.12
N GLY A 150 -10.89 -28.40 -17.58
CA GLY A 150 -11.27 -29.67 -18.15
C GLY A 150 -12.62 -30.13 -17.67
N ARG A 151 -12.95 -31.34 -18.06
CA ARG A 151 -14.13 -32.05 -17.59
C ARG A 151 -13.69 -33.37 -16.99
N VAL A 152 -14.29 -33.76 -15.88
CA VAL A 152 -13.90 -34.98 -15.18
C VAL A 152 -14.68 -36.15 -15.75
N GLU A 153 -13.96 -37.13 -16.27
CA GLU A 153 -14.56 -38.34 -16.82
C GLU A 153 -13.96 -39.52 -16.07
N GLY A 154 -14.76 -40.18 -15.25
CA GLY A 154 -14.21 -41.19 -14.37
C GLY A 154 -13.21 -40.56 -13.42
N LYS A 155 -11.99 -41.07 -13.42
CA LYS A 155 -10.92 -40.52 -12.59
C LYS A 155 -9.93 -39.69 -13.40
N VAL A 156 -10.38 -39.12 -14.52
CA VAL A 156 -9.53 -38.37 -15.43
C VAL A 156 -10.14 -37.00 -15.70
N LEU A 157 -9.32 -35.95 -15.63
CA LEU A 157 -9.70 -34.63 -16.12
C LEU A 157 -9.27 -34.53 -17.58
N LYS A 158 -10.25 -34.63 -18.49
CA LYS A 158 -10.17 -34.52 -19.94
C LYS A 158 -10.27 -33.07 -20.37
N PRO A 159 -9.79 -32.73 -21.57
CA PRO A 159 -10.07 -31.39 -22.11
C PRO A 159 -11.57 -31.17 -22.24
N TYR A 160 -12.00 -29.94 -21.96
CA TYR A 160 -13.39 -29.62 -22.22
C TYR A 160 -13.62 -29.57 -23.72
N ASP A 161 -14.89 -29.70 -24.12
CA ASP A 161 -15.28 -29.53 -25.52
C ASP A 161 -14.67 -28.29 -26.13
N ASP A 162 -14.10 -28.43 -27.32
CA ASP A 162 -13.55 -27.26 -27.98
C ASP A 162 -14.67 -26.40 -28.58
N ALA A 163 -14.30 -25.17 -29.00
CA ALA A 163 -15.26 -24.25 -29.63
C ALA A 163 -16.09 -24.95 -30.70
N GLY A 164 -15.44 -25.71 -31.59
CA GLY A 164 -16.17 -26.35 -32.67
C GLY A 164 -17.21 -27.33 -32.17
N THR A 165 -16.92 -28.04 -31.08
CA THR A 165 -17.85 -29.02 -30.56
C THR A 165 -19.00 -28.33 -29.84
N ILE A 166 -18.71 -27.24 -29.13
CA ILE A 166 -19.77 -26.51 -28.48
C ILE A 166 -20.71 -25.91 -29.52
N ALA A 167 -20.16 -25.31 -30.59
CA ALA A 167 -21.01 -24.71 -31.61
C ALA A 167 -21.91 -25.75 -32.26
N ALA A 168 -21.37 -26.93 -32.54
CA ALA A 168 -22.18 -27.91 -33.26
C ALA A 168 -23.20 -28.59 -32.36
N LYS A 169 -22.82 -28.90 -31.11
CA LYS A 169 -23.63 -29.74 -30.25
C LYS A 169 -24.15 -29.03 -29.00
N GLY A 170 -23.70 -27.81 -28.71
CA GLY A 170 -24.13 -27.15 -27.50
C GLY A 170 -23.28 -27.48 -26.29
N ALA A 171 -23.68 -26.87 -25.18
CA ALA A 171 -22.99 -27.01 -23.91
C ALA A 171 -24.04 -27.18 -22.83
N ASN A 172 -23.68 -27.88 -21.75
CA ASN A 172 -24.58 -28.02 -20.60
C ASN A 172 -24.35 -26.84 -19.66
N ALA A 173 -24.97 -25.72 -19.98
CA ALA A 173 -24.73 -24.49 -19.23
C ALA A 173 -25.97 -23.62 -19.32
N PRO A 174 -26.11 -22.62 -18.44
CA PRO A 174 -27.21 -21.67 -18.62
C PRO A 174 -27.08 -20.93 -19.94
N VAL A 175 -28.21 -20.66 -20.56
CA VAL A 175 -28.27 -19.83 -21.74
C VAL A 175 -28.63 -18.42 -21.31
N LEU A 176 -27.84 -17.44 -21.77
CA LEU A 176 -28.02 -16.05 -21.37
C LEU A 176 -28.76 -15.22 -22.39
N ALA A 177 -28.65 -15.57 -23.67
CA ALA A 177 -29.25 -14.82 -24.76
C ALA A 177 -29.09 -15.65 -26.02
N TRP A 178 -29.77 -15.22 -27.08
CA TRP A 178 -29.74 -15.88 -28.38
C TRP A 178 -29.40 -14.86 -29.44
N LEU A 179 -28.40 -15.17 -30.25
CA LEU A 179 -27.90 -14.34 -31.33
C LEU A 179 -28.29 -14.91 -32.69
N THR A 180 -28.23 -14.05 -33.71
CA THR A 180 -28.65 -14.44 -35.05
C THR A 180 -27.49 -14.98 -35.89
N ASP A 181 -26.27 -14.64 -35.56
CA ASP A 181 -25.11 -14.93 -36.40
C ASP A 181 -23.99 -15.45 -35.52
N PRO A 182 -23.45 -16.64 -35.80
CA PRO A 182 -22.30 -17.13 -35.01
C PRO A 182 -21.05 -16.25 -35.12
N MET A 183 -20.90 -15.45 -36.19
CA MET A 183 -19.81 -14.48 -36.23
C MET A 183 -19.96 -13.43 -35.14
N ASP A 184 -21.21 -13.05 -34.85
CA ASP A 184 -21.46 -12.12 -33.75
C ASP A 184 -20.96 -12.71 -32.43
N LEU A 185 -21.24 -13.99 -32.17
CA LEU A 185 -20.74 -14.59 -30.93
C LEU A 185 -19.22 -14.55 -30.87
N GLN A 186 -18.56 -14.87 -31.98
CA GLN A 186 -17.10 -14.86 -31.99
C GLN A 186 -16.57 -13.49 -31.62
N LEU A 187 -17.10 -12.45 -32.22
CA LEU A 187 -16.67 -11.09 -31.93
C LEU A 187 -16.86 -10.79 -30.46
N LEU A 188 -18.04 -11.14 -29.95
CA LEU A 188 -18.38 -10.92 -28.55
C LEU A 188 -17.40 -11.61 -27.63
N GLN A 189 -17.01 -12.84 -27.99
CA GLN A 189 -16.04 -13.61 -27.23
C GLN A 189 -14.63 -13.01 -27.32
N ILE A 190 -14.34 -12.22 -28.36
CA ILE A 190 -13.01 -11.60 -28.51
C ILE A 190 -12.91 -10.31 -27.69
N GLN A 191 -13.93 -9.43 -27.78
CA GLN A 191 -13.95 -8.23 -26.97
C GLN A 191 -14.25 -8.51 -25.50
N GLY A 192 -14.83 -9.66 -25.17
CA GLY A 192 -15.10 -10.04 -23.81
C GLY A 192 -16.30 -9.37 -23.16
N SER A 193 -16.88 -8.36 -23.78
CA SER A 193 -18.08 -7.74 -23.24
C SER A 193 -18.97 -7.34 -24.41
N GLY A 194 -20.24 -7.14 -24.13
CA GLY A 194 -21.13 -6.75 -25.20
C GLY A 194 -22.52 -6.54 -24.67
N ARG A 195 -23.34 -5.92 -25.51
CA ARG A 195 -24.76 -5.75 -25.24
C ARG A 195 -25.55 -6.50 -26.30
N VAL A 196 -26.67 -7.05 -25.88
CA VAL A 196 -27.61 -7.69 -26.79
C VAL A 196 -28.87 -6.84 -26.77
N ARG A 197 -29.26 -6.35 -27.94
CA ARG A 197 -30.46 -5.53 -28.11
C ARG A 197 -31.65 -6.44 -28.37
N LEU A 198 -32.67 -6.34 -27.53
CA LEU A 198 -33.90 -7.11 -27.71
C LEU A 198 -34.87 -6.34 -28.61
N ALA A 199 -35.91 -7.05 -29.08
CA ALA A 199 -36.86 -6.47 -30.03
C ALA A 199 -37.59 -5.26 -29.44
N ASP A 200 -37.81 -5.24 -28.13
CA ASP A 200 -38.43 -4.08 -27.49
C ASP A 200 -37.40 -3.00 -27.18
N GLY A 201 -36.29 -2.99 -27.91
CA GLY A 201 -35.27 -1.99 -27.72
C GLY A 201 -34.45 -2.15 -26.45
N LYS A 202 -34.92 -2.94 -25.50
CA LYS A 202 -34.20 -3.12 -24.25
C LYS A 202 -32.94 -3.95 -24.47
N GLN A 203 -32.00 -3.83 -23.53
CA GLN A 203 -30.67 -4.41 -23.69
C GLN A 203 -30.32 -5.25 -22.48
N VAL A 204 -29.45 -6.22 -22.70
CA VAL A 204 -28.88 -7.03 -21.62
C VAL A 204 -27.37 -6.99 -21.73
N ARG A 205 -26.70 -6.93 -20.57
CA ARG A 205 -25.25 -6.81 -20.51
C ARG A 205 -24.62 -8.19 -20.38
N LEU A 206 -23.57 -8.43 -21.17
CA LEU A 206 -22.82 -9.66 -21.10
C LEU A 206 -21.36 -9.33 -20.81
N ALA A 207 -20.74 -10.10 -19.91
CA ALA A 207 -19.34 -9.92 -19.60
C ALA A 207 -18.68 -11.28 -19.46
N TYR A 208 -17.39 -11.33 -19.78
CA TYR A 208 -16.61 -12.54 -19.62
C TYR A 208 -16.78 -13.14 -18.23
N ALA A 209 -16.93 -14.47 -18.18
CA ALA A 209 -16.99 -15.21 -16.93
C ALA A 209 -16.02 -16.39 -16.89
N GLU A 210 -15.79 -17.08 -18.01
CA GLU A 210 -14.92 -18.25 -17.97
C GLU A 210 -14.61 -18.66 -19.41
N GLN A 211 -13.76 -19.68 -19.56
CA GLN A 211 -13.43 -20.17 -20.90
C GLN A 211 -13.13 -21.66 -20.81
N ASN A 212 -13.23 -22.32 -21.97
CA ASN A 212 -13.13 -23.79 -22.06
C ASN A 212 -11.70 -24.31 -21.90
N GLY A 213 -10.71 -23.45 -21.72
CA GLY A 213 -9.37 -23.90 -21.48
C GLY A 213 -8.58 -24.25 -22.71
N HIS A 214 -9.18 -24.15 -23.91
CA HIS A 214 -8.37 -24.37 -25.09
C HIS A 214 -7.66 -23.09 -25.49
N PRO A 215 -6.45 -23.19 -25.99
CA PRO A 215 -5.67 -21.98 -26.32
C PRO A 215 -6.29 -21.22 -27.48
N TYR A 216 -6.32 -19.90 -27.34
CA TYR A 216 -6.84 -19.03 -28.38
C TYR A 216 -6.01 -19.15 -29.65
N ARG A 217 -6.69 -19.08 -30.79
CA ARG A 217 -6.02 -19.03 -32.07
C ARG A 217 -6.86 -18.15 -32.99
N ALA A 218 -6.39 -16.94 -33.26
CA ALA A 218 -7.15 -15.98 -34.03
C ALA A 218 -7.62 -16.59 -35.35
N ILE A 219 -8.89 -16.33 -35.70
CA ILE A 219 -9.41 -16.91 -36.94
C ILE A 219 -8.76 -16.23 -38.15
N GLY A 220 -8.35 -14.96 -38.01
CA GLY A 220 -7.53 -14.33 -39.03
C GLY A 220 -6.36 -15.20 -39.49
N ARG A 221 -5.63 -15.80 -38.53
CA ARG A 221 -4.48 -16.63 -38.89
C ARG A 221 -4.90 -17.82 -39.75
N TRP A 222 -6.06 -18.39 -39.46
CA TRP A 222 -6.54 -19.51 -40.27
C TRP A 222 -6.75 -19.08 -41.72
N LEU A 223 -7.39 -17.91 -41.92
CA LEU A 223 -7.67 -17.45 -43.29
C LEU A 223 -6.39 -17.19 -44.06
N VAL A 224 -5.32 -16.75 -43.39
CA VAL A 224 -4.04 -16.54 -44.06
C VAL A 224 -3.43 -17.89 -44.41
N ASP A 225 -3.41 -18.81 -43.45
CA ASP A 225 -2.93 -20.17 -43.69
C ASP A 225 -3.66 -20.85 -44.85
N GLN A 226 -4.91 -20.46 -45.10
CA GLN A 226 -5.68 -20.98 -46.23
C GLN A 226 -5.51 -20.15 -47.49
N GLY A 227 -4.64 -19.16 -47.47
CA GLY A 227 -4.46 -18.31 -48.63
C GLY A 227 -5.70 -17.56 -49.03
N GLN A 228 -6.62 -17.32 -48.09
CA GLN A 228 -7.80 -16.54 -48.38
C GLN A 228 -7.58 -15.06 -48.18
N LEU A 229 -6.74 -14.69 -47.21
CA LEU A 229 -6.33 -13.32 -47.01
C LEU A 229 -4.82 -13.26 -46.93
N LYS A 230 -4.29 -12.07 -47.17
CA LYS A 230 -2.88 -11.78 -47.07
C LYS A 230 -2.66 -11.03 -45.76
N LYS A 231 -1.56 -11.36 -45.07
CA LYS A 231 -1.39 -10.93 -43.68
C LYS A 231 -1.68 -9.45 -43.48
N GLU A 232 -1.47 -8.63 -44.51
CA GLU A 232 -1.69 -7.20 -44.38
C GLU A 232 -3.16 -6.81 -44.50
N ASP A 233 -3.96 -7.57 -45.26
CA ASP A 233 -5.38 -7.25 -45.42
C ASP A 233 -6.26 -7.73 -44.28
N VAL A 234 -5.75 -8.60 -43.40
CA VAL A 234 -6.55 -9.13 -42.31
C VAL A 234 -7.02 -7.98 -41.41
N THR A 235 -8.29 -7.64 -41.51
CA THR A 235 -8.96 -6.79 -40.55
C THR A 235 -10.28 -7.45 -40.16
N MET A 236 -10.92 -6.94 -39.12
CA MET A 236 -12.23 -7.46 -38.75
C MET A 236 -13.20 -7.33 -39.91
N ASP A 237 -13.16 -6.19 -40.61
CA ASP A 237 -14.02 -5.99 -41.78
C ASP A 237 -13.80 -7.05 -42.84
N ALA A 238 -12.53 -7.33 -43.15
CA ALA A 238 -12.22 -8.28 -44.21
C ALA A 238 -12.60 -9.70 -43.81
N ILE A 239 -12.46 -10.05 -42.53
CA ILE A 239 -12.84 -11.38 -42.07
C ILE A 239 -14.36 -11.56 -42.15
N ARG A 240 -15.11 -10.55 -41.72
CA ARG A 240 -16.56 -10.62 -41.81
C ARG A 240 -17.03 -10.66 -43.26
N ALA A 241 -16.35 -9.92 -44.15
CA ALA A 241 -16.68 -9.97 -45.56
C ALA A 241 -16.48 -11.37 -46.12
N TRP A 242 -15.34 -12.00 -45.78
CA TRP A 242 -15.10 -13.34 -46.27
C TRP A 242 -16.16 -14.32 -45.79
N ALA A 243 -16.59 -14.19 -44.52
CA ALA A 243 -17.61 -15.07 -43.95
C ALA A 243 -18.96 -14.89 -44.63
N ARG A 244 -19.33 -13.64 -44.92
CA ARG A 244 -20.52 -13.37 -45.75
C ARG A 244 -20.46 -14.14 -47.07
N ALA A 245 -19.31 -14.09 -47.75
CA ALA A 245 -19.21 -14.73 -49.07
C ALA A 245 -19.10 -16.24 -48.97
N ASN A 246 -18.77 -16.78 -47.79
CA ASN A 246 -18.55 -18.22 -47.64
C ASN A 246 -19.36 -18.80 -46.49
N PRO A 247 -20.69 -18.66 -46.53
CA PRO A 247 -21.50 -19.19 -45.42
C PRO A 247 -21.24 -20.65 -45.13
N ALA A 248 -20.96 -21.46 -46.16
CA ALA A 248 -20.80 -22.88 -45.93
C ALA A 248 -19.52 -23.17 -45.14
N ARG A 249 -18.58 -22.22 -45.10
CA ARG A 249 -17.31 -22.45 -44.41
C ARG A 249 -17.22 -21.72 -43.08
N VAL A 250 -18.28 -21.06 -42.64
CA VAL A 250 -18.22 -20.37 -41.34
C VAL A 250 -17.96 -21.36 -40.21
N PRO A 251 -18.63 -22.51 -40.12
CA PRO A 251 -18.33 -23.42 -39.01
C PRO A 251 -16.88 -23.84 -38.96
N GLU A 252 -16.23 -24.08 -40.12
CA GLU A 252 -14.82 -24.40 -40.06
C GLU A 252 -13.96 -23.17 -39.81
N LEU A 253 -14.38 -21.99 -40.28
CA LEU A 253 -13.64 -20.78 -39.92
C LEU A 253 -13.61 -20.60 -38.41
N LEU A 254 -14.76 -20.76 -37.74
CA LEU A 254 -14.81 -20.35 -36.34
C LEU A 254 -14.23 -21.40 -35.41
N ARG A 255 -14.35 -22.68 -35.76
CA ARG A 255 -13.73 -23.71 -34.94
C ARG A 255 -12.21 -23.72 -35.07
N SER A 256 -11.66 -23.04 -36.07
CA SER A 256 -10.20 -22.90 -36.12
C SER A 256 -9.67 -22.16 -34.91
N ASN A 257 -10.55 -21.48 -34.17
CA ASN A 257 -10.22 -20.98 -32.84
C ASN A 257 -10.87 -21.91 -31.82
N PRO A 258 -10.13 -22.86 -31.23
CA PRO A 258 -10.76 -23.82 -30.32
C PRO A 258 -11.19 -23.21 -29.00
N SER A 259 -10.76 -21.99 -28.69
CA SER A 259 -11.17 -21.34 -27.44
C SER A 259 -12.65 -20.94 -27.50
N TYR A 260 -13.37 -21.21 -26.43
CA TYR A 260 -14.77 -20.81 -26.27
C TYR A 260 -14.94 -20.09 -24.95
N VAL A 261 -15.56 -18.90 -24.99
CA VAL A 261 -15.73 -18.02 -23.84
C VAL A 261 -17.17 -18.09 -23.32
N PHE A 262 -17.31 -18.20 -22.01
CA PHE A 262 -18.61 -18.17 -21.34
C PHE A 262 -18.80 -16.82 -20.67
N PHE A 263 -20.05 -16.41 -20.50
CA PHE A 263 -20.35 -15.05 -20.04
C PHE A 263 -21.17 -15.07 -18.76
N VAL A 264 -21.34 -13.87 -18.20
CA VAL A 264 -22.30 -13.65 -17.13
C VAL A 264 -23.20 -12.51 -17.58
N ARG A 265 -24.46 -12.58 -17.19
CA ARG A 265 -25.41 -11.53 -17.55
C ARG A 265 -25.51 -10.52 -16.42
N ASN A 266 -25.45 -9.25 -16.77
CA ASN A 266 -25.69 -8.16 -15.85
C ASN A 266 -27.00 -7.48 -16.18
N PRO A 267 -27.62 -6.81 -15.22
CA PRO A 267 -28.81 -6.01 -15.54
C PRO A 267 -28.39 -4.78 -16.32
N ASP A 268 -29.27 -4.34 -17.22
CA ASP A 268 -28.88 -3.21 -18.05
C ASP A 268 -28.67 -1.97 -17.18
N SER A 269 -27.75 -1.13 -17.63
CA SER A 269 -27.34 0.03 -16.87
C SER A 269 -26.56 0.94 -17.80
N PRO A 270 -26.52 2.23 -17.51
CA PRO A 270 -25.83 3.14 -18.42
C PRO A 270 -24.32 2.99 -18.41
N GLU A 271 -23.73 2.58 -17.28
CA GLU A 271 -22.29 2.73 -17.09
C GLU A 271 -21.52 1.85 -18.06
N GLY A 272 -20.22 2.14 -18.17
CA GLY A 272 -19.34 1.38 -19.02
C GLY A 272 -19.12 -0.03 -18.53
N PRO A 273 -18.70 -0.92 -19.42
CA PRO A 273 -18.34 -2.27 -19.01
C PRO A 273 -17.12 -2.26 -18.11
N ARG A 274 -16.96 -3.36 -17.36
CA ARG A 274 -15.85 -3.48 -16.44
C ARG A 274 -14.69 -4.22 -17.10
N GLY A 275 -13.49 -3.69 -16.92
CA GLY A 275 -12.26 -4.36 -17.31
C GLY A 275 -11.74 -5.19 -16.15
N SER A 276 -10.46 -5.56 -16.25
CA SER A 276 -9.82 -6.42 -15.25
C SER A 276 -9.76 -5.75 -13.89
N LEU A 277 -9.68 -4.42 -13.84
CA LEU A 277 -9.68 -3.74 -12.57
C LEU A 277 -11.06 -3.73 -11.92
N ASN A 278 -12.06 -4.35 -12.57
CA ASN A 278 -13.44 -4.36 -12.07
C ASN A 278 -14.00 -2.95 -11.86
N VAL A 279 -13.60 -2.02 -12.73
CA VAL A 279 -14.09 -0.63 -12.69
C VAL A 279 -14.70 -0.31 -14.05
N PRO A 280 -15.84 0.38 -14.14
CA PRO A 280 -16.40 0.70 -15.47
C PRO A 280 -15.44 1.52 -16.32
N LEU A 281 -15.23 1.06 -17.55
CA LEU A 281 -14.30 1.72 -18.46
C LEU A 281 -14.93 2.98 -19.02
N THR A 282 -14.09 3.98 -19.30
CA THR A 282 -14.53 5.24 -19.89
C THR A 282 -14.11 5.29 -21.32
N ALA A 283 -15.04 5.60 -22.22
CA ALA A 283 -14.69 5.67 -23.63
C ALA A 283 -13.69 6.79 -23.88
N GLY A 284 -12.59 6.48 -24.56
CA GLY A 284 -11.55 7.46 -24.84
C GLY A 284 -10.53 7.70 -23.75
N TYR A 285 -10.71 7.16 -22.54
CA TYR A 285 -9.81 7.45 -21.43
C TYR A 285 -9.36 6.23 -20.65
N SER A 286 -9.68 5.02 -21.11
CA SER A 286 -9.27 3.78 -20.47
C SER A 286 -8.43 2.98 -21.47
N VAL A 287 -7.38 2.33 -20.99
CA VAL A 287 -6.48 1.56 -21.87
C VAL A 287 -6.27 0.19 -21.27
N ALA A 288 -6.19 -0.82 -22.14
CA ALA A 288 -5.70 -2.14 -21.75
C ALA A 288 -4.19 -2.17 -21.96
N VAL A 289 -3.46 -2.63 -20.95
CA VAL A 289 -2.01 -2.52 -20.91
C VAL A 289 -1.41 -3.88 -20.62
N ASP A 290 -0.08 -3.94 -20.71
CA ASP A 290 0.69 -5.05 -20.15
C ASP A 290 0.79 -4.87 -18.65
N ARG A 291 0.12 -5.76 -17.91
CA ARG A 291 -0.09 -5.60 -16.47
C ARG A 291 1.23 -5.62 -15.70
N SER A 292 2.23 -6.32 -16.20
CA SER A 292 3.51 -6.32 -15.52
C SER A 292 4.23 -4.99 -15.71
N VAL A 293 4.23 -4.47 -16.94
CA VAL A 293 4.91 -3.20 -17.20
C VAL A 293 4.14 -2.03 -16.59
N VAL A 294 2.81 -2.04 -16.71
CA VAL A 294 1.96 -0.95 -16.23
C VAL A 294 0.97 -1.53 -15.24
N PRO A 295 1.22 -1.39 -13.94
CA PRO A 295 0.27 -1.92 -12.94
C PRO A 295 -1.11 -1.29 -13.08
N LEU A 296 -2.14 -2.14 -13.04
CA LEU A 296 -3.52 -1.68 -13.13
C LEU A 296 -3.78 -0.58 -12.11
N GLY A 297 -4.50 0.46 -12.54
CA GLY A 297 -4.74 1.63 -11.72
C GLY A 297 -3.79 2.77 -11.97
N SER A 298 -2.74 2.56 -12.76
CA SER A 298 -1.77 3.62 -13.00
C SER A 298 -2.35 4.68 -13.91
N LEU A 299 -1.88 5.90 -13.70
CA LEU A 299 -2.21 6.99 -14.59
C LEU A 299 -1.12 7.11 -15.66
N LEU A 300 -1.53 7.32 -16.91
CA LEU A 300 -0.63 7.46 -18.03
C LEU A 300 -0.97 8.72 -18.82
N TRP A 301 0.03 9.21 -19.57
CA TRP A 301 -0.08 10.29 -20.53
C TRP A 301 -0.05 9.66 -21.92
N LEU A 302 -0.95 10.06 -22.80
CA LEU A 302 -1.10 9.39 -24.10
C LEU A 302 -1.06 10.42 -25.21
N SER A 303 -0.21 10.19 -26.21
CA SER A 303 -0.16 11.04 -27.39
C SER A 303 -0.22 10.17 -28.62
N THR A 304 -1.26 10.34 -29.43
CA THR A 304 -1.42 9.53 -30.64
C THR A 304 -2.39 10.27 -31.55
N THR A 305 -3.03 9.55 -32.47
CA THR A 305 -4.02 10.15 -33.35
C THR A 305 -5.22 9.23 -33.47
N ARG A 306 -6.31 9.79 -33.95
CA ARG A 306 -7.38 8.95 -34.45
C ARG A 306 -7.04 8.50 -35.86
N PRO A 307 -7.71 7.47 -36.36
CA PRO A 307 -7.46 7.02 -37.73
C PRO A 307 -7.53 8.12 -38.76
N ASP A 308 -8.38 9.13 -38.60
CA ASP A 308 -8.39 10.21 -39.56
C ASP A 308 -7.23 11.20 -39.37
N GLY A 309 -6.29 10.91 -38.47
CA GLY A 309 -5.17 11.80 -38.24
C GLY A 309 -5.38 12.90 -37.21
N THR A 310 -6.54 12.96 -36.58
CA THR A 310 -6.77 14.04 -35.61
C THR A 310 -6.09 13.73 -34.26
N PRO A 311 -5.51 14.74 -33.61
CA PRO A 311 -4.66 14.46 -32.45
C PRO A 311 -5.44 13.90 -31.28
N VAL A 312 -4.81 12.95 -30.56
CA VAL A 312 -5.36 12.42 -29.31
C VAL A 312 -4.28 12.54 -28.26
N VAL A 313 -4.42 13.52 -27.36
CA VAL A 313 -3.41 13.82 -26.37
C VAL A 313 -4.12 13.96 -25.03
N ARG A 314 -3.87 13.02 -24.12
CA ARG A 314 -4.72 13.00 -22.93
C ARG A 314 -4.11 12.10 -21.87
N PRO A 315 -4.41 12.34 -20.60
CA PRO A 315 -4.15 11.32 -19.59
C PRO A 315 -5.21 10.23 -19.74
N VAL A 316 -4.80 8.98 -19.51
CA VAL A 316 -5.68 7.82 -19.61
C VAL A 316 -5.31 6.93 -18.44
N ALA A 317 -6.19 5.99 -18.14
CA ALA A 317 -6.06 5.15 -16.96
C ALA A 317 -5.91 3.70 -17.40
N ALA A 318 -4.96 3.00 -16.79
CA ALA A 318 -4.75 1.57 -17.02
C ALA A 318 -5.80 0.81 -16.22
N GLN A 319 -6.87 0.37 -16.89
CA GLN A 319 -7.98 -0.26 -16.18
C GLN A 319 -8.35 -1.60 -16.81
N ASP A 320 -7.56 -2.10 -17.73
CA ASP A 320 -7.85 -3.37 -18.36
C ASP A 320 -6.54 -4.06 -18.72
N THR A 321 -6.62 -5.36 -18.97
CA THR A 321 -5.47 -6.18 -19.32
C THR A 321 -5.47 -6.43 -20.82
N GLY A 322 -4.35 -6.10 -21.47
CA GLY A 322 -4.18 -6.35 -22.88
C GLY A 322 -3.06 -7.33 -23.17
N GLY A 323 -2.65 -7.44 -24.42
CA GLY A 323 -1.56 -8.33 -24.78
C GLY A 323 -0.24 -7.80 -24.25
N ALA A 324 0.58 -8.73 -23.75
CA ALA A 324 1.86 -8.35 -23.14
C ALA A 324 2.76 -7.68 -24.18
N ILE A 325 3.68 -6.86 -23.69
CA ILE A 325 4.60 -6.12 -24.54
C ILE A 325 5.72 -7.06 -24.97
N ALA A 326 5.91 -7.21 -26.28
CA ALA A 326 6.94 -8.08 -26.84
C ALA A 326 7.71 -7.30 -27.90
N GLY A 327 8.65 -6.47 -27.44
CA GLY A 327 9.50 -5.71 -28.33
C GLY A 327 8.89 -4.43 -28.87
N GLU A 328 7.62 -4.15 -28.56
CA GLU A 328 6.99 -2.91 -28.98
C GLU A 328 6.12 -2.39 -27.85
N VAL A 329 6.16 -1.08 -27.63
CA VAL A 329 5.25 -0.46 -26.68
C VAL A 329 3.83 -0.52 -27.25
N ARG A 330 2.87 -0.90 -26.43
CA ARG A 330 1.53 -1.09 -26.97
C ARG A 330 0.46 -0.92 -25.89
N ALA A 331 -0.68 -0.40 -26.32
CA ALA A 331 -1.86 -0.27 -25.48
C ALA A 331 -3.09 -0.30 -26.38
N ASP A 332 -4.20 -0.76 -25.82
CA ASP A 332 -5.49 -0.82 -26.50
C ASP A 332 -6.40 0.25 -25.90
N LEU A 333 -6.93 1.13 -26.72
CA LEU A 333 -7.76 2.24 -26.26
C LEU A 333 -9.24 1.82 -26.32
N TYR A 334 -9.94 1.90 -25.18
CA TYR A 334 -11.37 1.58 -25.19
C TYR A 334 -12.12 2.78 -25.74
N TRP A 335 -12.92 2.56 -26.78
CA TRP A 335 -13.59 3.67 -27.44
C TRP A 335 -15.08 3.77 -27.16
N GLY A 336 -15.63 2.96 -26.27
CA GLY A 336 -17.07 3.01 -26.00
C GLY A 336 -17.81 1.84 -26.61
N SER A 337 -19.14 1.97 -26.69
CA SER A 337 -19.95 0.86 -27.17
C SER A 337 -20.75 1.22 -28.43
N GLY A 338 -21.04 0.22 -29.24
CA GLY A 338 -21.85 0.41 -30.43
C GLY A 338 -21.03 0.36 -31.71
N ASP A 339 -21.76 0.37 -32.84
CA ASP A 339 -21.14 0.21 -34.16
C ASP A 339 -20.11 1.30 -34.43
N ALA A 340 -20.45 2.55 -34.12
CA ALA A 340 -19.50 3.64 -34.39
C ALA A 340 -18.25 3.48 -33.54
N ALA A 341 -18.41 3.18 -32.26
CA ALA A 341 -17.26 2.83 -31.44
C ALA A 341 -16.47 1.67 -32.06
N GLY A 342 -17.17 0.69 -32.64
CA GLY A 342 -16.47 -0.44 -33.25
C GLY A 342 -15.72 -0.07 -34.51
N LYS A 343 -16.29 0.79 -35.35
CA LYS A 343 -15.54 1.23 -36.51
C LYS A 343 -14.29 1.97 -36.07
N LEU A 344 -14.45 2.91 -35.13
CA LEU A 344 -13.30 3.64 -34.61
C LEU A 344 -12.27 2.68 -34.05
N ALA A 345 -12.71 1.73 -33.21
CA ALA A 345 -11.77 0.80 -32.58
C ALA A 345 -11.05 -0.07 -33.60
N GLY A 346 -11.73 -0.46 -34.68
CA GLY A 346 -11.11 -1.36 -35.65
C GLY A 346 -10.14 -0.68 -36.58
N ASP A 347 -10.34 0.62 -36.81
CA ASP A 347 -9.39 1.38 -37.61
C ASP A 347 -8.17 1.82 -36.81
N MET A 348 -8.17 1.62 -35.48
CA MET A 348 -7.10 2.13 -34.64
C MET A 348 -5.84 1.28 -34.84
N LYS A 349 -4.83 1.88 -35.46
CA LYS A 349 -3.56 1.20 -35.63
C LYS A 349 -2.48 2.29 -35.69
N GLN A 350 -2.31 3.03 -34.59
CA GLN A 350 -1.67 4.34 -34.64
C GLN A 350 -0.35 4.35 -33.90
N LYS A 351 0.63 5.03 -34.47
CA LYS A 351 1.83 5.37 -33.72
C LYS A 351 1.43 6.17 -32.48
N GLY A 352 2.05 5.84 -31.36
CA GLY A 352 1.76 6.52 -30.12
C GLY A 352 3.01 6.68 -29.28
N ASN A 353 2.94 7.63 -28.35
CA ASN A 353 3.86 7.77 -27.25
C ASN A 353 3.08 7.63 -25.97
N ILE A 354 3.65 6.90 -25.01
CA ILE A 354 3.00 6.65 -23.74
C ILE A 354 3.98 7.01 -22.65
N TRP A 355 3.53 7.77 -21.66
CA TRP A 355 4.26 7.97 -20.42
C TRP A 355 3.44 7.38 -19.28
N MET A 356 4.09 6.63 -18.43
CA MET A 356 3.46 6.18 -17.20
C MET A 356 3.79 7.18 -16.11
N LEU A 357 2.77 7.64 -15.40
CA LEU A 357 3.03 8.51 -14.27
C LEU A 357 3.19 7.63 -13.04
N TRP A 358 3.85 8.16 -12.00
CA TRP A 358 4.30 7.32 -10.87
C TRP A 358 4.57 8.19 -9.66
N PRO A 359 4.16 7.77 -8.46
CA PRO A 359 4.38 8.64 -7.29
C PRO A 359 5.86 8.75 -6.96
N LYS A 360 6.26 9.96 -6.57
CA LYS A 360 7.67 10.21 -6.32
C LYS A 360 8.18 9.32 -5.19
N GLY A 361 9.40 8.81 -5.35
CA GLY A 361 10.03 8.02 -4.30
C GLY A 361 9.71 6.54 -4.34
N VAL A 362 8.56 6.18 -4.91
CA VAL A 362 8.14 4.78 -4.92
C VAL A 362 8.92 4.04 -6.00
N PRO A 363 9.47 2.87 -5.72
CA PRO A 363 10.19 2.13 -6.75
C PRO A 363 9.29 1.73 -7.91
N LEU A 364 9.86 1.76 -9.10
CA LEU A 364 9.20 1.27 -10.29
C LEU A 364 8.98 -0.23 -10.19
N PRO A 365 8.13 -0.80 -11.04
CA PRO A 365 8.13 -2.26 -11.18
C PRO A 365 9.44 -2.72 -11.79
N ASN A 366 9.86 -3.93 -11.44
CA ASN A 366 11.13 -4.43 -11.94
C ASN A 366 11.00 -5.15 -13.29
N ALA B 22 24.64 12.47 6.87
CA ALA B 22 24.89 11.04 6.91
C ALA B 22 24.91 10.43 5.52
N THR B 23 25.69 9.38 5.34
CA THR B 23 25.89 8.76 4.04
C THR B 23 25.73 7.24 4.13
N TYR B 24 25.28 6.64 3.03
CA TYR B 24 25.14 5.20 2.93
C TYR B 24 26.29 4.63 2.09
N ALA B 25 26.90 3.55 2.57
CA ALA B 25 28.13 3.01 1.99
C ALA B 25 27.96 1.51 1.82
N LYS B 26 27.70 1.11 0.59
CA LYS B 26 27.38 -0.27 0.29
C LYS B 26 28.41 -1.22 0.97
N ALA B 27 27.93 -2.34 1.53
CA ALA B 27 28.76 -3.29 2.24
C ALA B 27 28.37 -4.71 1.83
N ALA B 28 29.36 -5.54 1.54
CA ALA B 28 29.08 -6.93 1.15
C ALA B 28 28.49 -7.68 2.33
N TRP B 29 27.66 -8.67 2.04
CA TRP B 29 27.16 -9.47 3.15
C TRP B 29 28.29 -10.06 3.97
N SER B 30 29.44 -10.35 3.33
CA SER B 30 30.54 -10.95 4.07
C SER B 30 31.28 -9.94 4.93
N ALA B 31 31.03 -8.65 4.75
CA ALA B 31 31.65 -7.64 5.61
C ALA B 31 30.86 -7.39 6.89
N LEU B 32 29.64 -7.90 6.97
CA LEU B 32 28.93 -7.66 8.22
C LEU B 32 29.35 -8.71 9.25
N PRO B 33 29.38 -8.33 10.53
CA PRO B 33 29.74 -9.31 11.55
C PRO B 33 28.70 -10.41 11.63
N PRO B 34 29.10 -11.63 11.95
CA PRO B 34 28.15 -12.73 12.08
C PRO B 34 27.27 -12.55 13.31
N VAL B 35 26.12 -13.19 13.26
CA VAL B 35 25.22 -13.19 14.39
C VAL B 35 24.90 -14.64 14.69
N SER B 36 24.67 -14.93 15.97
CA SER B 36 24.23 -16.25 16.38
C SER B 36 22.84 -16.54 15.83
N ASP B 37 22.47 -17.82 15.87
CA ASP B 37 21.15 -18.19 15.38
C ASP B 37 20.06 -17.64 16.31
N THR B 38 20.29 -17.68 17.61
CA THR B 38 19.38 -17.04 18.56
C THR B 38 19.07 -15.61 18.15
N ASP B 39 20.11 -14.80 17.98
CA ASP B 39 19.91 -13.38 17.69
C ASP B 39 19.32 -13.17 16.30
N LEU B 40 19.77 -13.96 15.32
CA LEU B 40 19.21 -13.82 13.98
C LEU B 40 17.71 -14.02 13.99
N GLN B 41 17.24 -15.06 14.67
CA GLN B 41 15.82 -15.38 14.65
C GLN B 41 15.03 -14.34 15.42
N ALA B 42 15.45 -14.06 16.64
CA ALA B 42 14.78 -13.05 17.46
C ALA B 42 14.71 -11.72 16.72
N GLY B 43 15.82 -11.30 16.10
CA GLY B 43 15.81 -10.03 15.39
C GLY B 43 14.96 -10.07 14.14
N PHE B 44 14.90 -11.24 13.49
CA PHE B 44 13.98 -11.43 12.38
C PHE B 44 12.54 -11.39 12.87
N VAL B 45 12.26 -12.06 13.99
CA VAL B 45 10.87 -12.11 14.46
C VAL B 45 10.43 -10.72 14.90
N ALA B 46 11.32 -9.95 15.53
CA ALA B 46 10.94 -8.59 15.87
C ALA B 46 10.69 -7.75 14.62
N TRP B 47 11.53 -7.93 13.60
CA TRP B 47 11.39 -7.11 12.40
C TRP B 47 10.15 -7.49 11.60
N ARG B 48 9.91 -8.80 11.42
CA ARG B 48 8.70 -9.24 10.72
C ARG B 48 7.44 -8.95 11.51
N SER B 49 7.55 -8.84 12.84
CA SER B 49 6.44 -8.36 13.66
C SER B 49 5.82 -7.08 13.10
N SER B 50 6.60 -6.22 12.48
CA SER B 50 6.09 -4.98 11.93
C SER B 50 5.57 -5.14 10.50
N CYS B 51 5.54 -6.37 9.97
CA CYS B 51 5.08 -6.59 8.60
C CYS B 51 3.57 -6.40 8.46
N THR B 52 2.81 -6.73 9.50
CA THR B 52 1.37 -6.50 9.49
C THR B 52 1.03 -5.04 9.26
N ARG B 53 1.95 -4.11 9.52
CA ARG B 53 1.71 -2.69 9.33
C ARG B 53 2.49 -2.12 8.17
N LEU B 54 3.15 -2.96 7.38
CA LEU B 54 3.78 -2.52 6.14
C LEU B 54 3.28 -3.34 4.95
N LYS B 55 2.09 -3.93 5.07
CA LYS B 55 1.46 -4.66 3.99
C LYS B 55 1.36 -3.85 2.71
N ASN B 56 1.19 -2.52 2.82
CA ASN B 56 1.08 -1.61 1.67
C ASN B 56 2.11 -0.50 1.76
N ASP B 57 3.32 -0.85 2.19
CA ASP B 57 4.45 0.07 2.22
C ASP B 57 5.23 0.00 0.91
N ALA B 58 5.79 1.15 0.53
CA ALA B 58 6.55 1.30 -0.72
C ALA B 58 7.60 0.20 -0.86
N VAL B 59 8.44 0.06 0.16
CA VAL B 59 9.66 -0.71 0.01
C VAL B 59 9.60 -2.07 0.70
N TRP B 60 8.85 -2.22 1.80
CA TRP B 60 8.98 -3.40 2.65
C TRP B 60 7.90 -4.45 2.42
N ALA B 61 6.89 -4.17 1.59
CA ALA B 61 5.74 -5.07 1.45
C ALA B 61 6.15 -6.41 0.87
N LYS B 62 6.87 -6.41 -0.26
CA LYS B 62 7.25 -7.69 -0.85
C LYS B 62 8.31 -8.41 -0.02
N PRO B 63 9.31 -7.70 0.54
CA PRO B 63 10.14 -8.35 1.57
C PRO B 63 9.30 -9.05 2.62
N CYS B 64 8.34 -8.33 3.19
CA CYS B 64 7.45 -8.90 4.20
C CYS B 64 6.70 -10.12 3.68
N ALA B 65 6.08 -9.98 2.51
CA ALA B 65 5.37 -11.09 1.89
C ALA B 65 6.29 -12.29 1.73
N THR B 66 7.51 -12.05 1.22
CA THR B 66 8.54 -13.08 1.21
C THR B 66 8.79 -13.61 2.61
N ALA B 67 8.99 -12.70 3.57
CA ALA B 67 9.31 -13.10 4.94
C ALA B 67 8.16 -13.89 5.55
N ALA B 68 6.92 -13.44 5.32
CA ALA B 68 5.75 -14.16 5.82
C ALA B 68 5.83 -15.64 5.49
N ALA B 69 6.32 -15.97 4.30
CA ALA B 69 6.50 -17.37 3.93
C ALA B 69 7.66 -17.99 4.69
N VAL B 70 8.75 -17.22 4.88
CA VAL B 70 9.92 -17.77 5.56
C VAL B 70 9.50 -18.28 6.91
N SER B 71 10.05 -19.44 7.28
CA SER B 71 9.92 -19.87 8.65
C SER B 71 10.53 -18.81 9.56
N ASP B 72 10.40 -19.03 10.87
CA ASP B 72 11.19 -18.26 11.81
C ASP B 72 11.99 -19.17 12.72
N LYS B 73 11.93 -20.48 12.51
CA LYS B 73 12.78 -21.42 13.22
C LYS B 73 13.85 -22.01 12.32
N ASP B 74 14.08 -21.45 11.13
CA ASP B 74 15.15 -21.89 10.25
C ASP B 74 16.15 -20.75 10.02
N PRO B 75 17.30 -20.77 10.69
CA PRO B 75 18.31 -19.73 10.42
C PRO B 75 18.76 -19.73 8.96
N ALA B 76 19.11 -20.91 8.43
CA ALA B 76 19.49 -21.03 7.02
C ALA B 76 18.47 -20.33 6.11
N ALA B 77 17.18 -20.48 6.39
CA ALA B 77 16.15 -19.88 5.55
C ALA B 77 16.03 -18.37 5.74
N ILE B 78 16.38 -17.87 6.93
CA ILE B 78 16.44 -16.43 7.14
C ILE B 78 17.58 -15.84 6.31
N ARG B 79 18.76 -16.46 6.40
CA ARG B 79 19.92 -15.91 5.71
C ARG B 79 19.72 -15.92 4.21
N GLN B 80 19.21 -17.04 3.68
CA GLN B 80 18.72 -17.09 2.31
C GLN B 80 17.93 -15.85 1.97
N PHE B 81 16.81 -15.65 2.67
CA PHE B 81 15.94 -14.51 2.34
C PHE B 81 16.70 -13.20 2.37
N LEU B 82 17.47 -12.95 3.43
CA LEU B 82 18.20 -11.69 3.54
C LEU B 82 19.20 -11.51 2.40
N GLN B 83 20.13 -12.45 2.27
CA GLN B 83 21.22 -12.28 1.33
C GLN B 83 20.72 -12.37 -0.11
N ARG B 84 19.62 -13.08 -0.35
CA ARG B 84 19.00 -13.16 -1.66
C ARG B 84 18.23 -11.88 -2.00
N ASP B 85 17.49 -11.33 -1.04
CA ASP B 85 16.50 -10.30 -1.33
C ASP B 85 16.95 -8.89 -0.97
N LEU B 86 18.00 -8.72 -0.15
CA LEU B 86 18.36 -7.41 0.37
C LEU B 86 19.84 -7.12 0.16
N ASP B 87 20.16 -5.82 0.13
CA ASP B 87 21.51 -5.29 0.19
C ASP B 87 21.81 -4.76 1.58
N ALA B 88 23.09 -4.43 1.83
CA ALA B 88 23.49 -3.84 3.10
C ALA B 88 24.30 -2.59 2.86
N TYR B 89 24.06 -1.58 3.71
CA TYR B 89 24.77 -0.30 3.64
C TYR B 89 25.21 0.09 5.02
N ALA B 90 26.50 0.41 5.17
CA ALA B 90 27.00 0.99 6.41
C ALA B 90 26.54 2.44 6.56
N LEU B 91 26.18 2.81 7.79
CA LEU B 91 25.77 4.18 8.10
C LEU B 91 27.00 4.94 8.58
N ARG B 92 27.36 5.99 7.86
CA ARG B 92 28.49 6.85 8.21
C ARG B 92 27.99 8.27 8.42
N ALA B 93 28.55 8.93 9.43
CA ALA B 93 28.36 10.36 9.57
C ALA B 93 29.66 11.06 9.22
N GLY B 94 30.04 12.06 10.00
CA GLY B 94 31.21 12.87 9.70
C GLY B 94 32.21 12.81 10.84
N GLY B 95 33.47 12.61 10.48
CA GLY B 95 34.52 12.67 11.49
C GLY B 95 34.70 11.41 12.27
N HIS B 96 33.61 10.83 12.76
CA HIS B 96 33.67 9.51 13.34
C HIS B 96 33.24 8.42 12.37
N GLN B 97 32.60 8.82 11.27
CA GLN B 97 32.31 7.95 10.14
C GLN B 97 31.33 6.85 10.54
N ALA B 98 31.79 5.61 10.50
CA ALA B 98 30.88 4.52 10.82
C ALA B 98 30.77 4.28 12.32
N ASP B 99 31.68 4.85 13.11
CA ASP B 99 31.65 4.66 14.55
C ASP B 99 30.59 5.60 15.13
N GLY B 100 29.53 5.02 15.67
CA GLY B 100 28.44 5.81 16.21
C GLY B 100 28.22 5.58 17.70
N LEU B 101 27.12 6.09 18.21
CA LEU B 101 26.82 6.04 19.64
C LEU B 101 25.51 5.31 19.84
N ILE B 102 25.53 4.26 20.66
CA ILE B 102 24.33 3.51 20.98
C ILE B 102 23.92 3.84 22.41
N THR B 103 22.77 4.48 22.57
CA THR B 103 22.21 4.71 23.90
C THR B 103 21.06 3.74 24.12
N GLY B 104 20.37 3.84 25.26
CA GLY B 104 19.31 2.89 25.57
C GLY B 104 18.10 3.57 26.19
N TYR B 105 16.97 2.86 26.12
CA TYR B 105 15.73 3.34 26.74
C TYR B 105 14.87 2.13 27.11
N TYR B 106 13.86 2.40 27.93
CA TYR B 106 13.10 1.32 28.58
C TYR B 106 11.73 1.82 28.96
N GLU B 107 10.84 0.87 29.27
CA GLU B 107 9.51 1.19 29.78
C GLU B 107 9.52 1.08 31.29
N PRO B 108 9.20 2.12 32.04
CA PRO B 108 9.24 2.00 33.51
C PRO B 108 8.05 1.18 34.02
N ILE B 109 8.23 0.60 35.20
CA ILE B 109 7.16 -0.06 35.92
C ILE B 109 7.05 0.59 37.29
N TYR B 110 5.83 0.98 37.67
CA TYR B 110 5.57 1.65 38.95
C TYR B 110 4.62 0.84 39.82
N ALA B 111 4.86 0.92 41.13
CA ALA B 111 3.95 0.27 42.08
C ALA B 111 2.63 1.02 42.15
N GLY B 112 1.52 0.29 42.24
CA GLY B 112 0.24 0.97 42.31
C GLY B 112 -0.91 0.00 42.52
N SER B 113 -2.11 0.52 42.30
CA SER B 113 -3.34 -0.17 42.67
C SER B 113 -4.45 0.25 41.73
N LEU B 114 -5.44 -0.62 41.56
CA LEU B 114 -6.65 -0.21 40.86
C LEU B 114 -7.52 0.71 41.70
N THR B 115 -7.36 0.66 43.01
CA THR B 115 -8.27 1.27 43.97
C THR B 115 -7.44 2.13 44.90
N ARG B 116 -8.01 3.24 45.35
CA ARG B 116 -7.29 4.04 46.34
C ARG B 116 -7.11 3.25 47.63
N THR B 117 -5.89 3.30 48.17
CA THR B 117 -5.54 2.83 49.50
C THR B 117 -4.76 3.93 50.19
N ALA B 118 -4.31 3.63 51.42
CA ALA B 118 -3.53 4.59 52.17
C ALA B 118 -2.12 4.72 51.63
N THR B 119 -1.62 3.70 50.92
CA THR B 119 -0.31 3.77 50.27
C THR B 119 -0.39 4.23 48.82
N ALA B 120 -1.49 3.99 48.10
CA ALA B 120 -1.61 4.43 46.71
C ALA B 120 -2.71 5.50 46.64
N THR B 121 -2.30 6.77 46.64
CA THR B 121 -3.22 7.89 46.70
C THR B 121 -3.13 8.83 45.50
N VAL B 122 -2.24 8.56 44.56
CA VAL B 122 -2.00 9.45 43.43
C VAL B 122 -2.80 8.92 42.25
N PRO B 123 -3.86 9.61 41.80
CA PRO B 123 -4.64 9.07 40.70
C PRO B 123 -4.03 9.34 39.34
N VAL B 124 -4.21 8.36 38.45
CA VAL B 124 -3.89 8.44 37.03
C VAL B 124 -5.22 8.58 36.31
N TYR B 125 -5.38 9.65 35.54
CA TYR B 125 -6.69 9.97 34.97
C TYR B 125 -6.75 9.66 33.49
N GLY B 126 -7.86 9.07 33.07
CA GLY B 126 -8.26 9.06 31.68
C GLY B 126 -8.70 10.44 31.22
N THR B 127 -9.09 10.50 29.94
CA THR B 127 -9.39 11.78 29.30
C THR B 127 -10.69 12.35 29.85
N PRO B 128 -10.72 13.60 30.28
CA PRO B 128 -11.99 14.17 30.76
C PRO B 128 -12.91 14.40 29.58
N ASP B 129 -14.19 14.22 29.77
CA ASP B 129 -15.02 14.60 28.62
C ASP B 129 -15.52 16.03 28.58
N ASP B 130 -15.09 16.88 29.50
CA ASP B 130 -15.24 18.34 29.36
C ASP B 130 -13.97 19.02 28.84
N LEU B 131 -13.00 18.23 28.39
CA LEU B 131 -11.77 18.74 27.80
C LEU B 131 -11.98 18.88 26.30
N VAL B 132 -11.90 20.10 25.81
CA VAL B 132 -12.18 20.38 24.41
C VAL B 132 -10.86 20.62 23.67
N VAL B 133 -10.65 19.84 22.62
CA VAL B 133 -9.49 20.02 21.75
C VAL B 133 -9.82 21.09 20.71
N VAL B 134 -9.06 22.19 20.74
CA VAL B 134 -9.19 23.24 19.74
C VAL B 134 -8.54 22.78 18.44
N GLN B 135 -9.24 22.96 17.32
CA GLN B 135 -8.88 22.37 16.02
C GLN B 135 -9.12 23.41 14.93
N LEU B 136 -8.34 24.49 14.98
CA LEU B 136 -8.45 25.63 14.09
C LEU B 136 -7.24 25.78 13.16
N GLU B 137 -6.50 24.69 12.90
CA GLU B 137 -5.28 24.78 12.08
C GLU B 137 -5.60 25.15 10.63
N SER B 138 -6.74 24.69 10.11
CA SER B 138 -7.15 24.96 8.73
C SER B 138 -7.39 26.45 8.49
N LEU B 139 -7.77 27.19 9.52
CA LEU B 139 -7.91 28.63 9.38
C LEU B 139 -6.62 29.36 9.73
N TYR B 140 -5.77 28.74 10.54
CA TYR B 140 -4.55 29.38 11.04
C TYR B 140 -3.48 28.30 11.09
N PRO B 141 -2.72 28.13 10.01
CA PRO B 141 -1.64 27.13 10.01
C PRO B 141 -0.61 27.35 11.12
N GLU B 142 -0.39 28.60 11.54
CA GLU B 142 0.59 28.91 12.58
C GLU B 142 0.24 28.24 13.91
N LEU B 143 -0.88 27.52 13.96
CA LEU B 143 -1.29 26.80 15.16
C LEU B 143 -0.87 25.34 15.17
N LYS B 144 -0.46 24.78 14.04
CA LYS B 144 -0.09 23.37 14.00
C LYS B 144 1.08 23.12 14.95
N GLY B 145 1.07 21.97 15.60
CA GLY B 145 2.04 21.66 16.62
C GLY B 145 1.73 22.24 17.98
N LYS B 146 0.94 23.31 18.07
CA LYS B 146 0.46 23.77 19.35
C LYS B 146 -0.70 22.89 19.79
N ARG B 147 -0.69 22.49 21.05
CA ARG B 147 -1.74 21.63 21.58
C ARG B 147 -2.66 22.54 22.39
N LEU B 148 -3.69 23.06 21.72
CA LEU B 148 -4.61 24.00 22.34
C LEU B 148 -5.78 23.21 22.88
N ARG B 149 -6.13 23.46 24.15
CA ARG B 149 -7.24 22.76 24.78
C ARG B 149 -7.89 23.69 25.79
N GLY B 150 -9.13 23.38 26.12
CA GLY B 150 -9.78 24.17 27.14
C GLY B 150 -11.05 23.54 27.62
N ARG B 151 -11.70 24.26 28.51
CA ARG B 151 -13.02 23.93 29.02
C ARG B 151 -13.97 25.03 28.58
N VAL B 152 -15.15 24.64 28.14
CA VAL B 152 -16.11 25.61 27.64
C VAL B 152 -17.02 26.00 28.80
N GLU B 153 -16.95 27.25 29.21
CA GLU B 153 -17.83 27.79 30.24
C GLU B 153 -18.65 28.91 29.61
N GLY B 154 -19.96 28.71 29.50
CA GLY B 154 -20.82 29.59 28.75
C GLY B 154 -20.50 29.55 27.27
N LYS B 155 -20.06 30.69 26.72
CA LYS B 155 -19.67 30.77 25.32
C LYS B 155 -18.16 31.03 25.17
N VAL B 156 -17.36 30.71 26.18
CA VAL B 156 -15.92 30.94 26.15
C VAL B 156 -15.18 29.64 26.42
N LEU B 157 -14.23 29.32 25.55
CA LEU B 157 -13.27 28.26 25.82
C LEU B 157 -12.14 28.88 26.61
N LYS B 158 -11.99 28.46 27.87
CA LYS B 158 -11.00 28.99 28.79
C LYS B 158 -9.95 27.93 29.08
N PRO B 159 -8.77 28.33 29.55
CA PRO B 159 -7.74 27.33 29.90
C PRO B 159 -8.30 26.20 30.76
N TYR B 160 -7.86 24.97 30.47
CA TYR B 160 -8.20 23.86 31.36
C TYR B 160 -7.40 23.95 32.66
N ASP B 161 -7.82 23.15 33.65
CA ASP B 161 -7.07 23.01 34.90
C ASP B 161 -5.59 22.77 34.65
N ASP B 162 -4.73 23.51 35.32
CA ASP B 162 -3.32 23.16 35.24
C ASP B 162 -3.01 21.97 36.16
N ALA B 163 -1.76 21.52 36.11
CA ALA B 163 -1.29 20.39 36.91
C ALA B 163 -1.48 20.63 38.40
N GLY B 164 -1.06 21.79 38.89
CA GLY B 164 -1.19 22.05 40.31
C GLY B 164 -2.62 21.87 40.78
N THR B 165 -3.57 22.35 39.97
CA THR B 165 -4.98 22.27 40.35
C THR B 165 -5.46 20.82 40.30
N ILE B 166 -4.98 20.03 39.34
CA ILE B 166 -5.38 18.63 39.31
C ILE B 166 -4.79 17.88 40.50
N ALA B 167 -3.58 18.25 40.94
CA ALA B 167 -2.99 17.59 42.10
C ALA B 167 -3.75 17.90 43.38
N ALA B 168 -4.19 19.16 43.55
CA ALA B 168 -4.91 19.54 44.77
C ALA B 168 -6.34 19.02 44.80
N LYS B 169 -7.07 19.15 43.68
CA LYS B 169 -8.50 18.97 43.68
C LYS B 169 -8.98 17.76 42.88
N GLY B 170 -8.10 17.06 42.17
CA GLY B 170 -8.55 15.96 41.35
C GLY B 170 -9.01 16.43 39.98
N ALA B 171 -9.44 15.47 39.16
CA ALA B 171 -9.90 15.77 37.80
C ALA B 171 -11.31 15.29 37.60
N ASN B 172 -12.02 15.98 36.72
CA ASN B 172 -13.31 15.52 36.22
C ASN B 172 -13.04 14.45 35.17
N ALA B 173 -12.68 13.26 35.64
CA ALA B 173 -12.31 12.15 34.75
C ALA B 173 -12.24 10.84 35.52
N PRO B 174 -12.43 9.70 34.85
CA PRO B 174 -12.24 8.41 35.50
C PRO B 174 -10.79 8.18 35.90
N VAL B 175 -10.64 7.50 37.04
CA VAL B 175 -9.34 7.09 37.55
C VAL B 175 -9.04 5.70 37.01
N LEU B 176 -7.90 5.55 36.36
CA LEU B 176 -7.53 4.26 35.79
C LEU B 176 -6.66 3.44 36.71
N ALA B 177 -5.94 4.08 37.61
CA ALA B 177 -5.04 3.42 38.54
C ALA B 177 -4.63 4.45 39.58
N TRP B 178 -4.01 3.97 40.65
CA TRP B 178 -3.48 4.82 41.70
C TRP B 178 -2.02 4.47 41.92
N LEU B 179 -1.17 5.49 41.92
CA LEU B 179 0.25 5.35 42.23
C LEU B 179 0.52 5.66 43.70
N THR B 180 1.70 5.26 44.18
CA THR B 180 2.13 5.53 45.54
C THR B 180 2.94 6.82 45.69
N ASP B 181 3.46 7.39 44.61
CA ASP B 181 4.41 8.51 44.69
C ASP B 181 4.07 9.51 43.58
N PRO B 182 3.85 10.79 43.92
CA PRO B 182 3.58 11.77 42.85
C PRO B 182 4.73 11.87 41.85
N MET B 183 5.96 11.60 42.27
CA MET B 183 7.08 11.65 41.33
C MET B 183 6.97 10.57 40.27
N ASP B 184 6.35 9.44 40.59
CA ASP B 184 6.13 8.40 39.59
C ASP B 184 5.14 8.88 38.55
N LEU B 185 4.09 9.61 38.97
CA LEU B 185 3.16 10.17 38.00
C LEU B 185 3.87 11.13 37.06
N GLN B 186 4.69 12.02 37.60
CA GLN B 186 5.34 13.00 36.74
C GLN B 186 6.21 12.30 35.69
N LEU B 187 6.97 11.30 36.10
CA LEU B 187 7.83 10.61 35.15
C LEU B 187 6.99 9.87 34.12
N LEU B 188 5.88 9.30 34.57
CA LEU B 188 5.03 8.55 33.65
C LEU B 188 4.42 9.48 32.63
N GLN B 189 4.03 10.68 33.05
CA GLN B 189 3.47 11.66 32.14
C GLN B 189 4.53 12.19 31.18
N ILE B 190 5.80 12.18 31.56
CA ILE B 190 6.84 12.63 30.65
C ILE B 190 7.07 11.59 29.56
N GLN B 191 7.11 10.31 29.92
CA GLN B 191 7.43 9.24 28.98
C GLN B 191 6.23 8.82 28.12
N GLY B 192 5.01 9.03 28.60
CA GLY B 192 3.83 8.75 27.82
C GLY B 192 3.32 7.33 27.88
N SER B 193 4.03 6.42 28.56
CA SER B 193 3.56 5.06 28.69
C SER B 193 4.32 4.38 29.82
N GLY B 194 3.74 3.30 30.32
CA GLY B 194 4.32 2.58 31.43
C GLY B 194 3.37 1.53 31.92
N ARG B 195 3.87 0.74 32.86
CA ARG B 195 3.09 -0.33 33.49
C ARG B 195 2.93 -0.03 34.97
N VAL B 196 1.78 -0.41 35.52
CA VAL B 196 1.51 -0.32 36.94
C VAL B 196 1.52 -1.73 37.50
N ARG B 197 2.43 -2.00 38.43
CA ARG B 197 2.45 -3.29 39.11
C ARG B 197 1.45 -3.30 40.25
N LEU B 198 0.52 -4.22 40.22
CA LEU B 198 -0.48 -4.39 41.27
C LEU B 198 0.03 -5.40 42.30
N ALA B 199 -0.68 -5.48 43.42
CA ALA B 199 -0.21 -6.31 44.53
C ALA B 199 -0.26 -7.79 44.18
N ASP B 200 -1.30 -8.22 43.48
CA ASP B 200 -1.36 -9.61 43.03
C ASP B 200 -0.41 -9.92 41.85
N GLY B 201 0.55 -9.03 41.53
CA GLY B 201 1.52 -9.27 40.48
C GLY B 201 1.03 -9.01 39.07
N LYS B 202 -0.26 -8.90 38.84
CA LYS B 202 -0.80 -8.49 37.56
C LYS B 202 -0.37 -7.04 37.27
N GLN B 203 -0.40 -6.65 36.00
CA GLN B 203 0.12 -5.36 35.55
C GLN B 203 -0.90 -4.63 34.70
N VAL B 204 -0.84 -3.30 34.77
CA VAL B 204 -1.76 -2.41 34.07
C VAL B 204 -0.97 -1.66 33.02
N ARG B 205 -1.47 -1.66 31.77
CA ARG B 205 -0.82 -1.01 30.64
C ARG B 205 -1.40 0.37 30.42
N LEU B 206 -0.57 1.41 30.53
CA LEU B 206 -0.99 2.80 30.40
C LEU B 206 -0.27 3.51 29.26
N ALA B 207 -1.02 4.29 28.48
CA ALA B 207 -0.42 4.99 27.35
C ALA B 207 -1.06 6.37 27.23
N TYR B 208 -0.31 7.30 26.61
CA TYR B 208 -0.77 8.67 26.42
C TYR B 208 -2.14 8.70 25.75
N ALA B 209 -3.03 9.58 26.27
CA ALA B 209 -4.28 9.82 25.58
C ALA B 209 -4.55 11.29 25.27
N GLU B 210 -4.18 12.21 26.16
CA GLU B 210 -4.58 13.59 25.94
C GLU B 210 -3.76 14.44 26.91
N GLN B 211 -3.90 15.76 26.80
CA GLN B 211 -3.10 16.67 27.58
C GLN B 211 -3.89 17.94 27.88
N ASN B 212 -3.59 18.58 29.02
CA ASN B 212 -4.47 19.65 29.48
C ASN B 212 -4.32 20.95 28.68
N GLY B 213 -3.44 20.98 27.68
CA GLY B 213 -3.26 22.18 26.91
C GLY B 213 -2.35 23.21 27.53
N HIS B 214 -1.77 22.93 28.70
CA HIS B 214 -0.81 23.90 29.23
C HIS B 214 0.58 23.55 28.73
N PRO B 215 1.42 24.56 28.48
CA PRO B 215 2.75 24.27 27.94
C PRO B 215 3.64 23.52 28.93
N TYR B 216 4.34 22.53 28.41
CA TYR B 216 5.28 21.76 29.23
C TYR B 216 6.41 22.65 29.74
N ARG B 217 6.83 22.40 30.98
CA ARG B 217 7.90 23.15 31.60
C ARG B 217 8.63 22.16 32.51
N ALA B 218 9.79 21.68 32.07
CA ALA B 218 10.47 20.60 32.77
C ALA B 218 10.81 21.01 34.20
N ILE B 219 10.47 20.14 35.16
CA ILE B 219 10.74 20.48 36.56
C ILE B 219 12.23 20.67 36.80
N GLY B 220 13.08 19.98 36.02
CA GLY B 220 14.50 20.21 36.11
C GLY B 220 14.88 21.67 35.98
N ARG B 221 14.26 22.38 35.03
CA ARG B 221 14.59 23.79 34.84
C ARG B 221 14.20 24.62 36.07
N TRP B 222 13.08 24.26 36.72
CA TRP B 222 12.70 24.95 37.95
C TRP B 222 13.72 24.72 39.05
N LEU B 223 14.35 23.54 39.08
CA LEU B 223 15.34 23.26 40.11
C LEU B 223 16.62 24.06 39.89
N VAL B 224 16.92 24.42 38.63
CA VAL B 224 18.08 25.28 38.38
C VAL B 224 17.79 26.72 38.79
N ASP B 225 16.65 27.26 38.34
CA ASP B 225 16.31 28.66 38.62
C ASP B 225 16.18 28.90 40.12
N GLN B 226 15.67 27.92 40.85
CA GLN B 226 15.59 28.05 42.30
C GLN B 226 16.94 27.90 42.98
N GLY B 227 17.99 27.52 42.23
CA GLY B 227 19.29 27.37 42.81
C GLY B 227 19.51 26.08 43.56
N GLN B 228 18.85 25.00 43.13
CA GLN B 228 18.97 23.70 43.80
C GLN B 228 19.87 22.74 43.04
N LEU B 229 20.00 22.90 41.73
CA LEU B 229 20.93 22.10 40.96
C LEU B 229 21.64 23.00 39.96
N LYS B 230 22.66 22.45 39.31
CA LYS B 230 23.34 23.09 38.20
C LYS B 230 22.94 22.38 36.91
N LYS B 231 22.75 23.16 35.83
CA LYS B 231 22.23 22.67 34.55
C LYS B 231 22.87 21.37 34.09
N GLU B 232 24.14 21.16 34.47
CA GLU B 232 24.88 19.96 34.12
C GLU B 232 24.65 18.81 35.09
N ASP B 233 24.27 19.11 36.34
CA ASP B 233 23.96 18.09 37.33
C ASP B 233 22.57 17.49 37.15
N VAL B 234 21.67 18.19 36.47
CA VAL B 234 20.27 17.80 36.45
C VAL B 234 20.08 16.52 35.64
N THR B 235 20.05 15.38 36.31
CA THR B 235 19.61 14.13 35.74
C THR B 235 18.27 13.75 36.34
N MET B 236 17.71 12.63 35.88
CA MET B 236 16.53 12.11 36.54
C MET B 236 16.87 11.67 37.96
N ASP B 237 17.96 10.92 38.10
CA ASP B 237 18.36 10.40 39.41
C ASP B 237 18.61 11.53 40.41
N ALA B 238 18.98 12.71 39.92
CA ALA B 238 19.27 13.84 40.81
C ALA B 238 18.00 14.57 41.25
N ILE B 239 17.04 14.72 40.34
CA ILE B 239 15.74 15.25 40.72
C ILE B 239 15.07 14.34 41.75
N ARG B 240 15.13 13.02 41.53
CA ARG B 240 14.59 12.06 42.48
C ARG B 240 15.29 12.17 43.84
N ALA B 241 16.61 12.36 43.84
CA ALA B 241 17.34 12.47 45.10
C ALA B 241 16.98 13.76 45.83
N TRP B 242 16.84 14.86 45.09
CA TRP B 242 16.45 16.12 45.69
C TRP B 242 15.05 16.05 46.29
N ALA B 243 14.11 15.46 45.56
CA ALA B 243 12.75 15.29 46.07
C ALA B 243 12.74 14.48 47.36
N ARG B 244 13.42 13.33 47.37
CA ARG B 244 13.48 12.52 48.57
C ARG B 244 14.12 13.28 49.72
N ALA B 245 15.09 14.16 49.43
CA ALA B 245 15.66 14.99 50.47
C ALA B 245 14.75 16.15 50.87
N ASN B 246 13.81 16.54 50.02
CA ASN B 246 12.98 17.73 50.22
C ASN B 246 11.49 17.42 50.17
N PRO B 247 10.98 16.53 51.04
CA PRO B 247 9.57 16.14 50.92
C PRO B 247 8.61 17.31 50.98
N ALA B 248 8.92 18.35 51.76
CA ALA B 248 8.05 19.51 51.84
C ALA B 248 7.92 20.22 50.50
N ARG B 249 8.92 20.11 49.63
CA ARG B 249 8.92 20.91 48.41
C ARG B 249 8.44 20.15 47.17
N VAL B 250 8.18 18.86 47.29
CA VAL B 250 7.73 18.07 46.14
C VAL B 250 6.49 18.68 45.49
N PRO B 251 5.49 19.17 46.24
CA PRO B 251 4.32 19.79 45.57
C PRO B 251 4.65 21.04 44.76
N GLU B 252 5.38 21.99 45.33
CA GLU B 252 5.92 23.11 44.56
C GLU B 252 6.60 22.62 43.30
N LEU B 253 7.45 21.60 43.45
CA LEU B 253 8.26 21.11 42.33
C LEU B 253 7.38 20.66 41.18
N LEU B 254 6.39 19.79 41.46
CA LEU B 254 5.57 19.24 40.38
C LEU B 254 4.59 20.27 39.84
N ARG B 255 4.18 21.24 40.67
CA ARG B 255 3.34 22.32 40.17
C ARG B 255 4.05 23.14 39.10
N SER B 256 5.38 23.23 39.16
CA SER B 256 6.13 24.09 38.24
C SER B 256 5.96 23.67 36.79
N ASN B 257 5.51 22.44 36.54
CA ASN B 257 5.16 21.98 35.20
C ASN B 257 3.65 22.04 35.06
N PRO B 258 3.11 23.14 34.52
CA PRO B 258 1.64 23.28 34.47
C PRO B 258 0.97 22.26 33.58
N SER B 259 1.73 21.60 32.71
CA SER B 259 1.17 20.59 31.82
C SER B 259 0.78 19.34 32.58
N TYR B 260 -0.31 18.71 32.14
CA TYR B 260 -0.88 17.52 32.78
C TYR B 260 -1.27 16.54 31.68
N VAL B 261 -0.85 15.29 31.80
CA VAL B 261 -1.11 14.27 30.78
C VAL B 261 -2.17 13.31 31.30
N PHE B 262 -3.06 12.87 30.40
CA PHE B 262 -4.13 11.91 30.63
C PHE B 262 -3.82 10.64 29.84
N PHE B 263 -4.40 9.52 30.26
CA PHE B 263 -3.95 8.23 29.75
C PHE B 263 -5.13 7.38 29.28
N VAL B 264 -4.80 6.34 28.52
CA VAL B 264 -5.73 5.27 28.21
C VAL B 264 -5.12 4.00 28.80
N ARG B 265 -5.97 3.04 29.11
CA ARG B 265 -5.53 1.74 29.60
C ARG B 265 -5.72 0.72 28.48
N ASN B 266 -4.61 0.19 27.98
CA ASN B 266 -4.63 -0.83 26.94
C ASN B 266 -5.04 -2.16 27.53
N PRO B 267 -5.52 -3.09 26.71
CA PRO B 267 -5.78 -4.45 27.20
C PRO B 267 -4.53 -5.02 27.85
N ASP B 268 -4.73 -5.77 28.94
CA ASP B 268 -3.62 -6.42 29.63
C ASP B 268 -2.85 -7.32 28.67
N SER B 269 -1.53 -7.18 28.65
CA SER B 269 -0.75 -7.92 27.68
C SER B 269 0.71 -7.96 28.12
N PRO B 270 1.44 -9.02 27.80
CA PRO B 270 2.89 -9.02 28.01
C PRO B 270 3.68 -8.34 26.91
N GLU B 271 3.04 -7.93 25.82
CA GLU B 271 3.74 -7.25 24.75
C GLU B 271 4.42 -5.99 25.29
N GLY B 272 5.47 -5.57 24.59
CA GLY B 272 6.15 -4.36 24.96
C GLY B 272 5.31 -3.17 24.58
N PRO B 273 5.68 -1.99 25.07
CA PRO B 273 4.94 -0.79 24.70
C PRO B 273 4.97 -0.59 23.19
N ARG B 274 4.01 0.18 22.71
CA ARG B 274 3.99 0.59 21.33
C ARG B 274 4.88 1.82 21.15
N GLY B 275 5.64 1.84 20.04
CA GLY B 275 6.39 3.00 19.64
C GLY B 275 5.73 3.75 18.50
N SER B 276 6.49 4.66 17.89
CA SER B 276 5.93 5.51 16.83
C SER B 276 5.35 4.70 15.67
N LEU B 277 5.97 3.59 15.33
CA LEU B 277 5.35 2.71 14.34
C LEU B 277 4.10 1.98 14.86
N ASN B 278 3.69 2.29 16.10
CA ASN B 278 2.64 1.58 16.82
C ASN B 278 2.76 0.08 16.58
N VAL B 279 3.96 -0.43 16.86
CA VAL B 279 4.17 -1.87 16.93
C VAL B 279 4.76 -2.12 18.32
N PRO B 280 4.40 -3.22 18.98
CA PRO B 280 5.03 -3.52 20.29
C PRO B 280 6.53 -3.69 20.14
N LEU B 281 7.28 -2.88 20.89
CA LEU B 281 8.74 -2.97 20.90
C LEU B 281 9.20 -4.29 21.52
N THR B 282 10.25 -4.87 20.97
CA THR B 282 10.87 -6.07 21.54
C THR B 282 12.13 -5.67 22.30
N ALA B 283 12.28 -6.19 23.52
CA ALA B 283 13.45 -5.86 24.32
C ALA B 283 14.72 -6.43 23.70
N GLY B 284 15.74 -5.58 23.49
CA GLY B 284 16.98 -6.02 22.85
C GLY B 284 17.00 -5.98 21.32
N TYR B 285 15.85 -5.82 20.66
CA TYR B 285 15.78 -5.91 19.19
C TYR B 285 15.02 -4.77 18.53
N SER B 286 14.65 -3.70 19.25
CA SER B 286 13.99 -2.55 18.67
C SER B 286 14.84 -1.32 18.93
N VAL B 287 14.91 -0.41 17.95
CA VAL B 287 15.72 0.79 18.09
C VAL B 287 14.92 2.02 17.70
N ALA B 288 15.32 3.15 18.26
CA ALA B 288 14.84 4.45 17.85
C ALA B 288 15.91 5.13 17.00
N VAL B 289 15.51 5.63 15.83
CA VAL B 289 16.42 6.16 14.83
C VAL B 289 15.90 7.51 14.34
N ASP B 290 16.71 8.16 13.51
CA ASP B 290 16.23 9.26 12.68
C ASP B 290 15.35 8.72 11.55
N ARG B 291 14.08 9.15 11.53
CA ARG B 291 13.17 8.65 10.50
C ARG B 291 13.63 9.02 9.10
N SER B 292 14.37 10.12 8.95
CA SER B 292 14.84 10.49 7.62
C SER B 292 15.93 9.55 7.17
N VAL B 293 17.05 9.52 7.91
CA VAL B 293 18.17 8.65 7.56
C VAL B 293 17.75 7.19 7.55
N VAL B 294 16.87 6.78 8.45
CA VAL B 294 16.36 5.42 8.51
C VAL B 294 14.84 5.40 8.53
N PRO B 295 14.18 5.03 7.43
CA PRO B 295 12.72 4.85 7.45
C PRO B 295 12.28 3.90 8.56
N LEU B 296 11.16 4.25 9.21
CA LEU B 296 10.57 3.34 10.20
C LEU B 296 10.16 2.05 9.52
N GLY B 297 10.39 0.94 10.20
CA GLY B 297 10.16 -0.37 9.65
C GLY B 297 11.40 -1.02 9.05
N SER B 298 12.47 -0.27 8.82
CA SER B 298 13.65 -0.84 8.20
C SER B 298 14.34 -1.85 9.11
N LEU B 299 14.95 -2.84 8.48
CA LEU B 299 15.78 -3.82 9.15
C LEU B 299 17.22 -3.32 9.22
N LEU B 300 17.82 -3.38 10.40
CA LEU B 300 19.20 -2.94 10.62
C LEU B 300 20.03 -4.08 11.18
N TRP B 301 21.34 -3.89 11.09
CA TRP B 301 22.36 -4.77 11.66
C TRP B 301 23.14 -3.94 12.67
N LEU B 302 23.27 -4.47 13.88
CA LEU B 302 23.82 -3.72 14.99
C LEU B 302 24.98 -4.49 15.58
N SER B 303 26.13 -3.83 15.68
CA SER B 303 27.31 -4.31 16.38
C SER B 303 27.70 -3.31 17.45
N THR B 304 27.64 -3.71 18.71
CA THR B 304 27.95 -2.80 19.82
C THR B 304 28.24 -3.68 21.04
N THR B 305 28.13 -3.11 22.25
CA THR B 305 28.39 -3.88 23.47
C THR B 305 27.42 -3.45 24.56
N ARG B 306 27.23 -4.33 25.54
CA ARG B 306 26.61 -3.90 26.77
C ARG B 306 27.60 -3.06 27.57
N PRO B 307 27.13 -2.26 28.52
CA PRO B 307 28.07 -1.55 29.41
C PRO B 307 29.15 -2.43 30.02
N ASP B 308 28.89 -3.72 30.25
CA ASP B 308 29.92 -4.60 30.78
C ASP B 308 30.86 -5.15 29.72
N GLY B 309 30.68 -4.78 28.44
CA GLY B 309 31.59 -5.20 27.40
C GLY B 309 31.15 -6.44 26.63
N THR B 310 30.06 -7.06 27.03
CA THR B 310 29.51 -8.18 26.28
C THR B 310 29.14 -7.74 24.85
N PRO B 311 29.65 -8.42 23.82
CA PRO B 311 29.24 -8.12 22.44
C PRO B 311 27.73 -8.18 22.24
N VAL B 312 27.20 -7.19 21.53
CA VAL B 312 25.81 -7.14 21.09
C VAL B 312 25.85 -7.06 19.57
N VAL B 313 25.49 -8.15 18.91
CA VAL B 313 25.62 -8.25 17.47
C VAL B 313 24.35 -8.92 16.99
N ARG B 314 23.52 -8.18 16.27
CA ARG B 314 22.17 -8.68 16.04
C ARG B 314 21.44 -7.84 14.99
N PRO B 315 20.52 -8.45 14.28
CA PRO B 315 19.56 -7.67 13.51
C PRO B 315 18.62 -6.96 14.49
N VAL B 316 18.24 -5.73 14.16
CA VAL B 316 17.30 -4.99 14.97
C VAL B 316 16.35 -4.25 14.04
N ALA B 317 15.16 -3.93 14.56
CA ALA B 317 14.09 -3.30 13.79
C ALA B 317 13.92 -1.85 14.23
N ALA B 318 13.91 -0.94 13.26
CA ALA B 318 13.70 0.48 13.54
C ALA B 318 12.19 0.69 13.69
N GLN B 319 11.71 0.64 14.92
CA GLN B 319 10.27 0.60 15.19
C GLN B 319 9.81 1.80 16.00
N ASP B 320 10.65 2.82 16.13
CA ASP B 320 10.39 3.97 17.00
C ASP B 320 11.25 5.11 16.51
N THR B 321 11.07 6.29 17.14
CA THR B 321 11.60 7.57 16.66
C THR B 321 12.44 8.23 17.72
N GLY B 322 13.57 8.80 17.32
CA GLY B 322 14.41 9.48 18.30
C GLY B 322 15.56 10.22 17.67
N GLY B 323 15.39 10.60 16.41
CA GLY B 323 16.52 10.99 15.59
C GLY B 323 16.81 12.47 15.48
N ALA B 324 17.80 12.92 16.23
CA ALA B 324 18.40 14.24 16.04
C ALA B 324 19.79 14.05 15.48
N ILE B 325 19.90 13.27 14.39
CA ILE B 325 21.21 12.85 13.90
C ILE B 325 21.95 14.08 13.36
N ALA B 326 23.21 14.22 13.75
CA ALA B 326 23.96 15.42 13.41
C ALA B 326 25.44 15.26 13.70
N GLY B 327 26.20 14.73 12.73
CA GLY B 327 27.63 14.64 12.85
C GLY B 327 28.17 13.38 13.51
N GLU B 328 27.32 12.38 13.76
CA GLU B 328 27.73 11.14 14.40
C GLU B 328 26.55 10.18 14.41
N VAL B 329 26.77 8.93 13.99
CA VAL B 329 25.67 7.96 13.93
C VAL B 329 25.14 7.70 15.32
N ARG B 330 23.82 7.48 15.42
CA ARG B 330 23.18 7.28 16.71
C ARG B 330 21.97 6.38 16.54
N ALA B 331 21.73 5.58 17.58
CA ALA B 331 20.45 4.90 17.70
C ALA B 331 20.22 4.61 19.18
N ASP B 332 18.95 4.52 19.57
CA ASP B 332 18.58 4.19 20.94
C ASP B 332 18.01 2.78 20.96
N LEU B 333 18.63 1.90 21.76
CA LEU B 333 18.20 0.51 21.86
C LEU B 333 17.21 0.34 23.01
N TYR B 334 16.03 -0.20 22.71
CA TYR B 334 15.03 -0.49 23.74
C TYR B 334 15.41 -1.77 24.48
N TRP B 335 15.52 -1.69 25.81
CA TRP B 335 16.00 -2.83 26.58
C TRP B 335 14.92 -3.52 27.42
N GLY B 336 13.65 -3.15 27.28
CA GLY B 336 12.59 -3.83 28.02
C GLY B 336 11.93 -2.93 29.05
N SER B 337 11.16 -3.56 29.94
CA SER B 337 10.46 -2.81 30.98
C SER B 337 10.97 -3.15 32.38
N GLY B 338 10.87 -2.19 33.28
CA GLY B 338 11.21 -2.40 34.68
C GLY B 338 12.52 -1.75 35.05
N ASP B 339 12.82 -1.84 36.36
CA ASP B 339 13.93 -1.08 36.93
C ASP B 339 15.28 -1.54 36.41
N ALA B 340 15.49 -2.86 36.27
CA ALA B 340 16.76 -3.34 35.77
C ALA B 340 16.97 -2.96 34.30
N ALA B 341 15.91 -3.04 33.48
CA ALA B 341 16.01 -2.52 32.12
C ALA B 341 16.33 -1.02 32.15
N GLY B 342 15.76 -0.31 33.12
CA GLY B 342 16.11 1.09 33.27
C GLY B 342 17.57 1.30 33.61
N LYS B 343 18.11 0.46 34.48
CA LYS B 343 19.51 0.61 34.84
C LYS B 343 20.42 0.26 33.68
N LEU B 344 20.13 -0.84 32.98
CA LEU B 344 20.88 -1.15 31.77
C LEU B 344 20.79 -0.02 30.77
N ALA B 345 19.57 0.43 30.46
CA ALA B 345 19.39 1.49 29.47
C ALA B 345 20.11 2.78 29.84
N GLY B 346 20.24 3.08 31.15
CA GLY B 346 20.87 4.32 31.55
C GLY B 346 22.38 4.31 31.36
N ASP B 347 23.01 3.16 31.59
CA ASP B 347 24.45 3.00 31.44
C ASP B 347 24.90 2.79 29.99
N MET B 348 23.98 2.73 29.03
CA MET B 348 24.31 2.49 27.61
C MET B 348 24.95 3.73 27.00
N LYS B 349 26.26 3.70 26.76
CA LYS B 349 26.97 4.79 26.09
C LYS B 349 27.99 4.24 25.10
N GLN B 350 27.56 3.30 24.26
CA GLN B 350 28.51 2.37 23.66
C GLN B 350 28.85 2.73 22.21
N LYS B 351 30.14 2.61 21.89
CA LYS B 351 30.57 2.66 20.50
C LYS B 351 29.87 1.55 19.72
N GLY B 352 29.31 1.90 18.56
CA GLY B 352 28.61 0.92 17.77
C GLY B 352 28.62 1.23 16.29
N ASN B 353 28.41 0.17 15.50
CA ASN B 353 28.27 0.25 14.06
C ASN B 353 26.87 -0.21 13.68
N ILE B 354 26.32 0.43 12.64
CA ILE B 354 24.97 0.16 12.18
C ILE B 354 25.01 0.00 10.67
N TRP B 355 24.40 -1.08 10.17
CA TRP B 355 24.14 -1.25 8.76
C TRP B 355 22.64 -1.23 8.55
N MET B 356 22.20 -0.50 7.52
CA MET B 356 20.81 -0.59 7.09
C MET B 356 20.70 -1.59 5.95
N LEU B 357 19.76 -2.52 6.08
CA LEU B 357 19.47 -3.44 4.99
C LEU B 357 18.35 -2.86 4.15
N TRP B 358 18.42 -3.09 2.85
CA TRP B 358 17.55 -2.45 1.86
C TRP B 358 17.19 -3.43 0.75
N PRO B 359 15.91 -3.47 0.33
CA PRO B 359 15.54 -4.40 -0.74
C PRO B 359 16.31 -4.07 -2.01
N LYS B 360 16.72 -5.12 -2.71
CA LYS B 360 17.81 -5.01 -3.69
C LYS B 360 17.49 -4.00 -4.79
N GLY B 361 16.42 -4.25 -5.55
CA GLY B 361 16.11 -3.37 -6.67
C GLY B 361 15.94 -1.93 -6.23
N VAL B 362 15.17 -1.72 -5.17
CA VAL B 362 14.68 -0.41 -4.74
C VAL B 362 15.83 0.59 -4.63
N PRO B 363 15.63 1.84 -5.06
CA PRO B 363 16.60 2.88 -4.72
C PRO B 363 16.48 3.25 -3.25
N LEU B 364 17.61 3.60 -2.65
CA LEU B 364 17.63 3.97 -1.25
C LEU B 364 16.98 5.34 -1.09
N PRO B 365 16.73 5.79 0.16
CA PRO B 365 16.13 7.12 0.36
C PRO B 365 17.14 8.22 0.64
N ASN B 366 16.99 9.37 -0.04
CA ASN B 366 17.85 10.56 0.09
C ASN B 366 19.00 10.47 1.09
#